data_3S6Z
#
_entry.id   3S6Z
#
_cell.length_a   87.150
_cell.length_b   333.180
_cell.length_c   58.490
_cell.angle_alpha   90.00
_cell.angle_beta   90.00
_cell.angle_gamma   90.00
#
_symmetry.space_group_name_H-M   'P 21 21 2'
#
loop_
_entity.id
_entity.type
_entity.pdbx_description
1 polymer 'Outer capsid protein sigma-1'
2 branched 'N-acetyl-alpha-neuraminic acid-(2-8)-N-acetyl-alpha-neuraminic acid-(2-3)-beta-D-galactopyranose'
3 water water
#
_entity_poly.entity_id   1
_entity_poly.type   'polypeptide(L)'
_entity_poly.pdbx_seq_one_letter_code
;QIEDKIEEILSKIYHIENEIARIKKLIGEGSGRPVLNQGVTSAGAPLSIRNNRMTMGLNDGLTLSGNNLAIRLPGNTGLN
IQNGGLQFRFNTDQFQIVNNNLTLKTTVFDSINSRIGAIEQSYVASAVTPLRLNSSTKVLDMLIDSSTLEINSSGQLTVR
STSPNLRYPIADVSGGIGMSPNYRFRQSMWIGIVSYSGSGLNWRVQVNSDIFIVDDYIHICLPAFDGFSIADGGDLSLNF
VTGLLPPLLTGDTEPAFHNDVVTYGAQTVAIGLSSGGTPQYMSKNLWVEQWQDGVLRLRVEGGGSITHSNSKWPAMTVSY
PRSFT
;
_entity_poly.pdbx_strand_id   A,B,C
#
# COMPACT_ATOMS: atom_id res chain seq x y z
N LEU A 36 92.41 78.00 -35.61
CA LEU A 36 91.68 78.32 -36.84
C LEU A 36 90.57 77.31 -37.11
N ASN A 37 90.85 76.04 -36.81
CA ASN A 37 89.95 74.93 -37.12
C ASN A 37 88.58 75.02 -36.44
N GLN A 38 87.53 74.86 -37.24
CA GLN A 38 86.15 75.02 -36.78
C GLN A 38 85.36 73.74 -37.00
N GLY A 39 85.98 72.75 -37.61
CA GLY A 39 85.31 71.52 -37.97
C GLY A 39 85.20 70.48 -36.87
N VAL A 40 85.12 69.23 -37.28
CA VAL A 40 84.89 68.14 -36.36
C VAL A 40 85.99 67.14 -36.60
N THR A 41 86.78 66.87 -35.56
CA THR A 41 87.97 66.02 -35.69
C THR A 41 87.91 64.74 -34.86
N SER A 42 86.94 64.66 -33.93
CA SER A 42 86.71 63.40 -33.22
C SER A 42 85.27 63.32 -32.75
N ALA A 43 84.82 62.12 -32.39
CA ALA A 43 83.44 61.95 -31.96
C ALA A 43 83.32 60.85 -30.91
N GLY A 44 82.39 61.01 -29.99
CA GLY A 44 82.12 59.99 -28.98
C GLY A 44 81.14 58.91 -29.46
N ALA A 45 81.37 57.67 -29.04
CA ALA A 45 80.44 56.60 -29.38
C ALA A 45 79.01 57.09 -29.06
N PRO A 46 78.03 56.68 -29.87
CA PRO A 46 78.17 55.64 -30.89
C PRO A 46 78.62 56.16 -32.25
N LEU A 47 79.23 57.35 -32.27
CA LEU A 47 79.72 57.90 -33.54
C LEU A 47 81.21 57.61 -33.69
N SER A 48 81.66 57.35 -34.92
CA SER A 48 83.08 57.23 -35.21
C SER A 48 83.44 57.79 -36.59
N ILE A 49 84.69 58.22 -36.72
CA ILE A 49 85.17 58.87 -37.93
C ILE A 49 86.34 58.08 -38.57
N ARG A 50 86.26 57.85 -39.87
CA ARG A 50 87.38 57.30 -40.64
C ARG A 50 87.49 58.09 -41.94
N ASN A 51 88.68 58.60 -42.24
CA ASN A 51 88.89 59.37 -43.47
C ASN A 51 87.80 60.44 -43.75
N ASN A 52 87.53 61.30 -42.76
CA ASN A 52 86.60 62.41 -42.96
C ASN A 52 85.12 62.01 -43.06
N ARG A 53 84.83 60.72 -42.85
CA ARG A 53 83.46 60.24 -42.90
C ARG A 53 82.96 59.69 -41.56
N MET A 54 81.85 60.22 -41.08
CA MET A 54 81.28 59.77 -39.82
C MET A 54 80.22 58.70 -40.02
N THR A 55 80.27 57.65 -39.20
CA THR A 55 79.23 56.64 -39.18
C THR A 55 78.77 56.36 -37.76
N MET A 56 77.62 55.70 -37.63
CA MET A 56 77.02 55.39 -36.34
C MET A 56 76.92 53.88 -36.13
N GLY A 57 77.35 53.41 -34.96
CA GLY A 57 77.28 52.00 -34.63
C GLY A 57 75.96 51.63 -33.95
N LEU A 58 75.32 50.56 -34.43
CA LEU A 58 74.02 50.15 -33.92
C LEU A 58 73.96 48.68 -33.53
N ASN A 59 73.51 48.42 -32.29
CA ASN A 59 73.18 47.06 -31.84
C ASN A 59 71.84 46.61 -32.42
N ASP A 60 71.55 45.31 -32.35
CA ASP A 60 70.22 44.78 -32.70
C ASP A 60 69.09 45.49 -31.94
N GLY A 61 68.05 45.88 -32.66
CA GLY A 61 66.95 46.59 -32.06
C GLY A 61 66.90 48.02 -32.58
N LEU A 62 68.06 48.50 -33.02
CA LEU A 62 68.14 49.76 -33.71
C LEU A 62 68.60 49.49 -35.13
N THR A 63 67.99 50.16 -36.10
CA THR A 63 68.25 49.82 -37.49
C THR A 63 68.00 51.00 -38.43
N LEU A 64 68.43 50.82 -39.68
CA LEU A 64 68.25 51.84 -40.68
C LEU A 64 66.97 51.52 -41.43
N SER A 65 66.08 52.50 -41.51
CA SER A 65 64.83 52.37 -42.25
C SER A 65 64.72 53.59 -43.17
N GLY A 66 64.90 53.36 -44.47
CA GLY A 66 65.07 54.46 -45.41
C GLY A 66 66.28 55.27 -45.01
N ASN A 67 66.10 56.57 -44.74
CA ASN A 67 67.20 57.43 -44.30
C ASN A 67 67.32 57.54 -42.78
N ASN A 68 66.39 56.90 -42.06
CA ASN A 68 66.21 57.16 -40.63
C ASN A 68 66.66 56.04 -39.68
N LEU A 69 66.98 56.44 -38.46
CA LEU A 69 67.12 55.52 -37.34
C LEU A 69 65.72 55.05 -36.92
N ALA A 70 65.56 53.75 -36.70
CA ALA A 70 64.27 53.14 -36.36
C ALA A 70 64.45 52.05 -35.33
N ILE A 71 63.44 51.85 -34.49
CA ILE A 71 63.42 50.70 -33.59
C ILE A 71 63.02 49.48 -34.42
N ARG A 72 63.81 48.41 -34.36
CA ARG A 72 63.49 47.20 -35.11
C ARG A 72 62.71 46.19 -34.27
N LEU A 73 61.58 45.73 -34.79
CA LEU A 73 60.70 44.82 -34.09
C LEU A 73 60.41 43.59 -34.95
N PRO A 74 61.29 42.58 -34.90
CA PRO A 74 61.12 41.42 -35.78
C PRO A 74 59.86 40.63 -35.43
N GLY A 75 59.30 39.94 -36.41
CA GLY A 75 58.14 39.10 -36.21
C GLY A 75 56.90 39.87 -35.78
N ASN A 76 56.04 39.19 -35.03
CA ASN A 76 54.87 39.82 -34.41
C ASN A 76 54.77 39.35 -32.97
N THR A 77 55.21 40.18 -32.02
CA THR A 77 55.21 39.77 -30.62
C THR A 77 54.41 40.71 -29.74
N GLY A 78 53.59 41.54 -30.37
CA GLY A 78 52.73 42.45 -29.64
C GLY A 78 53.22 43.88 -29.69
N LEU A 79 54.46 44.06 -30.16
CA LEU A 79 55.03 45.40 -30.25
C LEU A 79 54.82 45.96 -31.65
N ASN A 80 54.61 47.27 -31.73
CA ASN A 80 54.40 47.93 -33.02
C ASN A 80 54.65 49.44 -32.96
N ILE A 81 55.13 50.00 -34.07
CA ILE A 81 55.23 51.44 -34.21
C ILE A 81 53.93 52.00 -34.78
N GLN A 82 53.16 52.68 -33.96
CA GLN A 82 51.85 53.16 -34.37
C GLN A 82 51.44 54.36 -33.51
N ASN A 83 50.56 55.21 -34.03
CA ASN A 83 50.14 56.38 -33.28
C ASN A 83 51.33 57.24 -32.86
N GLY A 84 52.39 57.23 -33.67
CA GLY A 84 53.52 58.11 -33.45
C GLY A 84 54.62 57.59 -32.55
N GLY A 85 54.55 56.31 -32.18
CA GLY A 85 55.58 55.76 -31.32
C GLY A 85 55.49 54.26 -31.08
N LEU A 86 56.23 53.81 -30.08
CA LEU A 86 56.26 52.40 -29.72
C LEU A 86 55.07 52.08 -28.82
N GLN A 87 54.24 51.12 -29.25
CA GLN A 87 53.10 50.68 -28.44
C GLN A 87 53.02 49.17 -28.31
N PHE A 88 52.32 48.70 -27.28
CA PHE A 88 52.04 47.28 -27.10
C PHE A 88 50.59 47.01 -27.50
N ARG A 89 50.34 45.86 -28.12
CA ARG A 89 49.00 45.54 -28.64
C ARG A 89 48.38 44.35 -27.92
N PHE A 90 47.14 44.50 -27.48
CA PHE A 90 46.48 43.44 -26.74
C PHE A 90 45.00 43.30 -27.11
N ASN A 91 44.56 42.06 -27.24
CA ASN A 91 43.14 41.74 -27.44
C ASN A 91 42.26 42.50 -26.44
N THR A 92 41.43 43.39 -26.95
CA THR A 92 40.63 44.27 -26.09
C THR A 92 39.40 43.58 -25.51
N ASP A 93 39.31 42.28 -25.70
CA ASP A 93 38.24 41.49 -25.07
C ASP A 93 38.76 40.81 -23.81
N GLN A 94 40.09 40.72 -23.70
CA GLN A 94 40.70 39.92 -22.64
C GLN A 94 41.58 40.74 -21.71
N PHE A 95 42.16 41.83 -22.23
CA PHE A 95 43.04 42.69 -21.44
C PHE A 95 42.64 44.16 -21.49
N GLN A 96 43.02 44.89 -20.45
CA GLN A 96 42.93 46.35 -20.44
C GLN A 96 44.15 46.92 -19.70
N ILE A 97 44.28 48.24 -19.72
CA ILE A 97 45.40 48.91 -19.05
C ILE A 97 44.92 49.78 -17.90
N VAL A 98 45.43 49.51 -16.69
CA VAL A 98 45.05 50.29 -15.52
C VAL A 98 46.30 50.83 -14.83
N ASN A 99 46.44 52.15 -14.82
CA ASN A 99 47.68 52.79 -14.38
C ASN A 99 48.88 52.19 -15.11
N ASN A 100 48.76 52.16 -16.44
CA ASN A 100 49.80 51.66 -17.34
C ASN A 100 50.33 50.28 -16.97
N ASN A 101 49.43 49.43 -16.49
CA ASN A 101 49.72 48.02 -16.23
C ASN A 101 48.82 47.14 -17.07
N LEU A 102 49.37 46.07 -17.63
CA LEU A 102 48.56 45.06 -18.30
C LEU A 102 47.61 44.41 -17.30
N THR A 103 46.32 44.42 -17.61
CA THR A 103 45.33 43.86 -16.71
C THR A 103 44.31 42.99 -17.44
N LEU A 104 43.91 41.88 -16.80
CA LEU A 104 42.87 41.01 -17.35
C LEU A 104 41.53 41.69 -17.23
N LYS A 105 40.74 41.64 -18.29
CA LYS A 105 39.34 42.07 -18.20
C LYS A 105 38.63 41.15 -17.22
N THR A 106 37.74 41.70 -16.40
CA THR A 106 36.95 40.89 -15.48
C THR A 106 35.95 40.04 -16.26
N THR A 107 35.52 40.57 -17.40
CA THR A 107 34.55 39.87 -18.25
C THR A 107 35.16 38.62 -18.89
N VAL A 108 36.44 38.39 -18.63
CA VAL A 108 37.10 37.19 -19.12
C VAL A 108 36.53 35.96 -18.41
N PHE A 109 36.15 36.14 -17.14
CA PHE A 109 35.76 35.02 -16.31
C PHE A 109 34.25 34.97 -16.06
N ASP A 110 33.54 35.99 -16.54
CA ASP A 110 32.11 36.10 -16.31
C ASP A 110 31.34 34.82 -16.66
N SER A 111 31.68 34.23 -17.80
CA SER A 111 31.04 33.00 -18.24
C SER A 111 31.32 31.84 -17.28
N ILE A 112 32.56 31.78 -16.78
CA ILE A 112 32.96 30.70 -15.88
C ILE A 112 32.37 30.86 -14.49
N ASN A 113 32.23 32.11 -14.04
CA ASN A 113 31.66 32.37 -12.71
C ASN A 113 30.14 32.22 -12.71
N SER A 114 29.51 32.59 -13.83
CA SER A 114 28.07 32.45 -13.97
C SER A 114 27.68 30.98 -13.99
N ARG A 115 28.41 30.19 -14.76
CA ARG A 115 28.15 28.76 -14.87
C ARG A 115 28.28 28.05 -13.52
N ILE A 116 29.39 28.29 -12.83
CA ILE A 116 29.60 27.70 -11.52
C ILE A 116 28.52 28.16 -10.54
N GLY A 117 28.12 29.43 -10.65
CA GLY A 117 27.07 29.96 -9.81
C GLY A 117 25.72 29.33 -10.15
N ALA A 118 25.59 28.91 -11.40
CA ALA A 118 24.36 28.29 -11.89
C ALA A 118 24.16 26.91 -11.26
N ILE A 119 25.24 26.36 -10.71
CA ILE A 119 25.20 25.04 -10.09
C ILE A 119 25.11 25.17 -8.57
N GLU A 120 25.96 26.04 -8.02
CA GLU A 120 26.04 26.22 -6.57
C GLU A 120 24.73 26.67 -5.95
N GLN A 121 24.02 27.57 -6.63
CA GLN A 121 22.78 28.12 -6.09
C GLN A 121 21.78 27.03 -5.71
N SER A 122 21.88 25.87 -6.35
CA SER A 122 20.99 24.75 -6.05
C SER A 122 21.46 23.44 -6.66
N TYR A 123 21.99 22.55 -5.82
CA TYR A 123 22.31 21.20 -6.25
C TYR A 123 22.31 20.24 -5.07
N VAL A 124 22.47 18.96 -5.34
CA VAL A 124 22.50 17.97 -4.28
C VAL A 124 23.93 17.59 -3.91
N ALA A 125 24.32 17.88 -2.68
CA ALA A 125 25.65 17.54 -2.17
C ALA A 125 25.59 16.44 -1.12
N SER A 126 24.42 16.24 -0.53
CA SER A 126 24.23 15.23 0.52
C SER A 126 22.82 14.64 0.53
N ALA A 127 22.70 13.41 1.03
CA ALA A 127 21.42 12.72 1.12
C ALA A 127 21.17 12.14 2.50
N VAL A 128 19.92 12.17 2.94
CA VAL A 128 19.53 11.61 4.24
C VAL A 128 18.77 10.30 4.08
N THR A 129 19.15 9.29 4.87
CA THR A 129 18.49 8.00 4.83
C THR A 129 16.97 8.14 4.83
N PRO A 130 16.26 7.28 4.08
CA PRO A 130 16.79 6.14 3.32
C PRO A 130 17.51 6.52 2.02
N LEU A 131 17.65 7.81 1.73
CA LEU A 131 18.41 8.23 0.56
C LEU A 131 19.90 8.11 0.84
N ARG A 132 20.63 7.55 -0.12
CA ARG A 132 22.05 7.29 0.08
C ARG A 132 22.91 7.77 -1.11
N LEU A 133 23.82 8.69 -0.83
CA LEU A 133 24.70 9.22 -1.87
C LEU A 133 26.16 8.80 -1.69
N ASN A 134 26.69 8.07 -2.66
CA ASN A 134 28.11 7.72 -2.70
C ASN A 134 28.88 8.85 -3.39
N SER A 135 29.68 9.57 -2.61
CA SER A 135 30.35 10.79 -3.10
C SER A 135 31.43 10.55 -4.13
N SER A 136 31.97 9.34 -4.17
CA SER A 136 33.09 9.04 -5.07
C SER A 136 32.62 8.58 -6.45
N THR A 137 31.41 8.04 -6.53
CA THR A 137 30.86 7.59 -7.80
C THR A 137 29.69 8.47 -8.23
N LYS A 138 29.33 9.41 -7.37
CA LYS A 138 28.22 10.33 -7.63
C LYS A 138 26.93 9.58 -7.92
N VAL A 139 26.65 8.55 -7.13
CA VAL A 139 25.48 7.73 -7.33
C VAL A 139 24.46 7.89 -6.19
N LEU A 140 23.20 8.07 -6.56
CA LEU A 140 22.13 8.17 -5.59
C LEU A 140 21.22 6.95 -5.66
N ASP A 141 21.07 6.26 -4.53
CA ASP A 141 20.13 5.14 -4.46
C ASP A 141 19.35 5.16 -3.13
N MET A 142 18.38 4.28 -3.00
CA MET A 142 17.49 4.27 -1.84
C MET A 142 17.50 2.96 -1.07
N LEU A 143 17.65 3.06 0.25
CA LEU A 143 17.65 1.90 1.14
C LEU A 143 16.23 1.47 1.48
N ILE A 144 15.84 0.26 1.07
CA ILE A 144 14.51 -0.25 1.38
C ILE A 144 14.54 -1.62 2.06
N ASP A 145 13.43 -1.97 2.71
CA ASP A 145 13.28 -3.26 3.37
C ASP A 145 12.73 -4.31 2.39
N SER A 146 13.50 -5.37 2.17
CA SER A 146 13.16 -6.37 1.16
C SER A 146 11.87 -7.13 1.46
N SER A 147 11.47 -7.20 2.73
CA SER A 147 10.29 -7.97 3.10
C SER A 147 9.00 -7.17 2.91
N THR A 148 9.10 -5.85 2.98
CA THR A 148 7.90 -5.01 2.90
C THR A 148 7.75 -4.28 1.57
N LEU A 149 8.87 -3.90 0.96
CA LEU A 149 8.86 -3.15 -0.30
C LEU A 149 9.72 -3.80 -1.39
N GLU A 150 9.46 -3.42 -2.64
CA GLU A 150 10.23 -3.92 -3.77
C GLU A 150 10.07 -3.06 -5.02
N ILE A 151 10.93 -3.29 -6.02
CA ILE A 151 10.83 -2.58 -7.29
C ILE A 151 10.35 -3.53 -8.40
N ASN A 152 9.19 -3.23 -8.96
CA ASN A 152 8.60 -4.07 -9.99
C ASN A 152 9.32 -3.96 -11.34
N SER A 153 8.84 -4.72 -12.32
CA SER A 153 9.41 -4.70 -13.66
C SER A 153 9.29 -3.32 -14.28
N SER A 154 8.35 -2.53 -13.78
CA SER A 154 8.14 -1.17 -14.27
C SER A 154 9.13 -0.20 -13.62
N GLY A 155 9.94 -0.72 -12.71
CA GLY A 155 10.94 0.08 -12.02
C GLY A 155 10.35 0.98 -10.96
N GLN A 156 9.10 0.70 -10.59
CA GLN A 156 8.39 1.50 -9.60
C GLN A 156 8.54 0.93 -8.20
N LEU A 157 8.44 1.79 -7.20
CA LEU A 157 8.42 1.35 -5.81
C LEU A 157 7.01 0.89 -5.46
N THR A 158 6.89 -0.34 -4.99
CA THR A 158 5.58 -0.92 -4.66
C THR A 158 5.62 -1.81 -3.41
N VAL A 159 4.56 -1.76 -2.61
CA VAL A 159 4.48 -2.57 -1.40
C VAL A 159 4.39 -4.05 -1.75
N ARG A 160 5.21 -4.85 -1.07
CA ARG A 160 5.27 -6.29 -1.31
C ARG A 160 3.95 -6.94 -0.90
N SER A 161 3.36 -7.70 -1.81
CA SER A 161 2.09 -8.38 -1.53
C SER A 161 2.23 -9.42 -0.43
N THR A 162 1.34 -9.35 0.56
CA THR A 162 1.39 -10.27 1.69
C THR A 162 0.07 -11.01 1.87
N SER A 163 0.11 -12.33 1.74
CA SER A 163 -1.08 -13.15 1.98
C SER A 163 -1.49 -13.08 3.45
N PRO A 164 -2.75 -12.70 3.70
CA PRO A 164 -3.28 -12.57 5.06
C PRO A 164 -3.20 -13.89 5.82
N ASN A 165 -3.04 -13.79 7.13
CA ASN A 165 -3.02 -14.95 8.00
C ASN A 165 -4.47 -15.34 8.37
N LEU A 166 -4.95 -16.48 7.88
CA LEU A 166 -6.35 -16.87 8.08
C LEU A 166 -6.53 -18.12 8.94
N ARG A 167 -7.58 -18.13 9.75
CA ARG A 167 -7.86 -19.25 10.63
C ARG A 167 -9.23 -19.85 10.31
N TYR A 168 -9.26 -21.13 9.97
CA TYR A 168 -10.52 -21.85 9.75
C TYR A 168 -11.54 -21.48 10.83
N PRO A 169 -12.82 -21.27 10.43
CA PRO A 169 -13.42 -21.46 9.10
C PRO A 169 -13.21 -20.29 8.13
N ILE A 170 -12.47 -19.27 8.53
CA ILE A 170 -12.09 -18.23 7.59
C ILE A 170 -10.99 -18.81 6.69
N ALA A 171 -11.11 -18.60 5.39
CA ALA A 171 -10.22 -19.28 4.45
C ALA A 171 -10.08 -18.53 3.13
N ASP A 172 -9.11 -18.93 2.31
CA ASP A 172 -8.99 -18.38 0.97
C ASP A 172 -10.06 -18.98 0.06
N VAL A 173 -10.94 -18.13 -0.46
CA VAL A 173 -11.97 -18.60 -1.38
C VAL A 173 -11.77 -17.91 -2.71
N SER A 174 -11.45 -18.71 -3.73
CA SER A 174 -11.15 -18.18 -5.05
C SER A 174 -10.37 -16.87 -4.99
N GLY A 175 -9.29 -16.85 -4.20
CA GLY A 175 -8.38 -15.72 -4.19
C GLY A 175 -8.68 -14.60 -3.21
N GLY A 176 -9.76 -14.75 -2.44
CA GLY A 176 -10.10 -13.73 -1.45
C GLY A 176 -10.32 -14.30 -0.06
N ILE A 177 -10.45 -13.42 0.92
CA ILE A 177 -10.78 -13.81 2.28
C ILE A 177 -12.26 -14.17 2.37
N GLY A 178 -12.58 -15.44 2.57
CA GLY A 178 -13.96 -15.87 2.65
C GLY A 178 -14.27 -16.85 3.77
N MET A 179 -15.40 -17.53 3.63
CA MET A 179 -15.80 -18.56 4.58
C MET A 179 -15.65 -19.93 3.93
N SER A 180 -14.83 -20.78 4.54
CA SER A 180 -14.57 -22.11 4.00
C SER A 180 -15.85 -22.85 3.61
N PRO A 181 -15.93 -23.30 2.35
CA PRO A 181 -17.10 -24.08 1.92
C PRO A 181 -17.31 -25.31 2.82
N ASN A 182 -16.23 -25.87 3.34
CA ASN A 182 -16.36 -27.07 4.16
C ASN A 182 -17.08 -26.83 5.49
N TYR A 183 -16.90 -25.63 6.05
CA TYR A 183 -17.61 -25.26 7.28
C TYR A 183 -19.07 -24.99 6.99
N ARG A 184 -19.37 -24.54 5.79
CA ARG A 184 -20.74 -24.17 5.44
C ARG A 184 -21.61 -25.41 5.22
N PHE A 185 -21.02 -26.47 4.66
CA PHE A 185 -21.75 -27.70 4.42
C PHE A 185 -20.84 -28.91 4.21
N ARG A 186 -21.05 -29.94 5.03
CA ARG A 186 -20.30 -31.19 4.96
C ARG A 186 -21.27 -32.36 5.14
N GLN A 187 -21.26 -33.28 4.17
CA GLN A 187 -22.12 -34.45 4.22
C GLN A 187 -21.32 -35.70 4.54
N SER A 188 -21.92 -36.57 5.34
CA SER A 188 -21.30 -37.84 5.69
C SER A 188 -22.43 -38.83 5.98
N MET A 189 -22.08 -39.93 6.62
CA MET A 189 -23.02 -41.01 6.82
C MET A 189 -22.58 -41.88 8.00
N TRP A 190 -23.56 -42.35 8.76
CA TRP A 190 -23.31 -43.27 9.86
C TRP A 190 -24.12 -44.54 9.67
N ILE A 191 -23.42 -45.67 9.71
CA ILE A 191 -24.04 -46.99 9.64
C ILE A 191 -23.62 -47.71 10.91
N GLY A 192 -24.52 -47.78 11.88
CA GLY A 192 -24.14 -48.25 13.20
C GLY A 192 -25.29 -48.72 14.05
N ILE A 193 -24.96 -48.98 15.31
CA ILE A 193 -25.93 -49.57 16.22
C ILE A 193 -26.57 -48.52 17.10
N VAL A 194 -27.91 -48.55 17.12
CA VAL A 194 -28.70 -47.81 18.09
C VAL A 194 -29.19 -48.78 19.16
N SER A 195 -28.97 -48.45 20.42
CA SER A 195 -29.45 -49.37 21.46
C SER A 195 -30.35 -48.68 22.49
N TYR A 196 -31.31 -49.44 23.01
CA TYR A 196 -32.27 -48.94 23.98
C TYR A 196 -32.04 -49.57 25.36
N SER A 197 -32.10 -48.75 26.40
CA SER A 197 -32.02 -49.26 27.75
C SER A 197 -33.00 -48.49 28.63
N GLY A 198 -33.89 -49.24 29.29
CA GLY A 198 -34.85 -48.64 30.20
C GLY A 198 -35.44 -49.67 31.16
N SER A 199 -35.25 -49.42 32.46
CA SER A 199 -35.86 -50.25 33.50
C SER A 199 -35.65 -51.73 33.23
N GLY A 200 -34.44 -52.11 32.84
CA GLY A 200 -34.15 -53.50 32.57
C GLY A 200 -34.59 -54.00 31.21
N LEU A 201 -35.27 -53.17 30.42
CA LEU A 201 -35.50 -53.54 29.04
C LEU A 201 -34.26 -53.17 28.22
N ASN A 202 -33.81 -54.07 27.35
CA ASN A 202 -32.65 -53.79 26.48
C ASN A 202 -32.78 -54.40 25.08
N TRP A 203 -32.30 -53.69 24.07
CA TRP A 203 -32.31 -54.22 22.70
C TRP A 203 -31.54 -53.31 21.78
N ARG A 204 -31.19 -53.81 20.60
CA ARG A 204 -30.37 -53.03 19.67
C ARG A 204 -30.88 -53.12 18.24
N VAL A 205 -30.58 -52.11 17.46
CA VAL A 205 -30.93 -52.12 16.04
C VAL A 205 -29.86 -51.46 15.19
N GLN A 206 -29.71 -51.93 13.95
CA GLN A 206 -28.83 -51.24 13.01
C GLN A 206 -29.59 -50.22 12.13
N VAL A 207 -28.99 -49.05 11.92
CA VAL A 207 -29.57 -48.03 11.05
C VAL A 207 -28.55 -47.45 10.08
N ASN A 208 -29.05 -46.88 9.01
CA ASN A 208 -28.20 -46.19 8.04
C ASN A 208 -28.68 -44.74 8.01
N SER A 209 -27.85 -43.82 8.49
CA SER A 209 -28.25 -42.43 8.58
C SER A 209 -27.28 -41.45 7.93
N ASP A 210 -27.83 -40.46 7.23
CA ASP A 210 -27.04 -39.37 6.70
C ASP A 210 -26.68 -38.50 7.88
N ILE A 211 -25.52 -37.86 7.78
CA ILE A 211 -25.11 -36.86 8.74
C ILE A 211 -24.82 -35.58 7.96
N PHE A 212 -25.25 -34.45 8.48
CA PHE A 212 -24.95 -33.17 7.84
C PHE A 212 -24.37 -32.27 8.90
N ILE A 213 -23.31 -31.58 8.54
CA ILE A 213 -22.70 -30.62 9.43
C ILE A 213 -22.75 -29.28 8.75
N VAL A 214 -23.38 -28.30 9.41
CA VAL A 214 -23.66 -27.02 8.79
C VAL A 214 -23.36 -25.92 9.79
N ASP A 215 -22.37 -25.09 9.46
CA ASP A 215 -21.86 -24.10 10.41
C ASP A 215 -21.52 -24.83 11.71
N ASP A 216 -21.90 -24.30 12.86
CA ASP A 216 -21.50 -24.94 14.09
C ASP A 216 -22.43 -26.03 14.64
N TYR A 217 -23.25 -26.62 13.77
CA TYR A 217 -24.15 -27.71 14.20
C TYR A 217 -23.91 -29.03 13.47
N ILE A 218 -24.25 -30.12 14.13
CA ILE A 218 -24.29 -31.40 13.46
C ILE A 218 -25.71 -31.94 13.51
N HIS A 219 -26.16 -32.54 12.41
CA HIS A 219 -27.47 -33.19 12.35
C HIS A 219 -27.31 -34.66 11.98
N ILE A 220 -27.90 -35.52 12.78
CA ILE A 220 -27.92 -36.94 12.47
C ILE A 220 -29.34 -37.29 12.10
N CYS A 221 -29.54 -37.67 10.85
CA CYS A 221 -30.89 -37.95 10.36
C CYS A 221 -31.18 -39.44 10.44
N LEU A 222 -31.65 -39.88 11.59
CA LEU A 222 -32.00 -41.29 11.78
C LEU A 222 -33.21 -41.64 10.93
N PRO A 223 -33.18 -42.82 10.29
CA PRO A 223 -34.31 -43.37 9.53
C PRO A 223 -35.35 -43.99 10.49
N ALA A 224 -36.56 -44.28 10.01
CA ALA A 224 -37.49 -45.08 10.81
C ALA A 224 -36.89 -46.47 11.15
N PHE A 225 -37.29 -47.05 12.27
CA PHE A 225 -36.82 -48.38 12.63
C PHE A 225 -37.76 -49.05 13.63
N ASP A 226 -37.63 -50.36 13.74
CA ASP A 226 -38.45 -51.14 14.69
C ASP A 226 -37.62 -51.60 15.84
N GLY A 227 -38.25 -51.73 16.99
CA GLY A 227 -37.58 -52.19 18.19
C GLY A 227 -38.51 -53.06 19.01
N PHE A 228 -38.19 -53.23 20.29
CA PHE A 228 -38.98 -54.11 21.12
C PHE A 228 -39.60 -53.29 22.25
N SER A 229 -39.91 -53.90 23.38
CA SER A 229 -40.60 -53.15 24.43
C SER A 229 -39.76 -51.99 24.97
N ILE A 230 -40.44 -50.92 25.38
CA ILE A 230 -39.76 -49.79 26.01
C ILE A 230 -40.44 -49.49 27.34
N ALA A 231 -39.69 -48.88 28.25
CA ALA A 231 -40.22 -48.45 29.54
C ALA A 231 -40.83 -47.04 29.45
N ASP A 232 -41.48 -46.60 30.52
CA ASP A 232 -41.97 -45.24 30.61
C ASP A 232 -40.84 -44.25 30.29
N GLY A 233 -39.70 -44.45 30.95
CA GLY A 233 -38.53 -43.63 30.74
C GLY A 233 -37.32 -44.52 30.44
N GLY A 234 -36.48 -44.10 29.49
CA GLY A 234 -35.29 -44.83 29.14
C GLY A 234 -34.31 -44.02 28.28
N ASP A 235 -33.27 -44.68 27.81
CA ASP A 235 -32.25 -44.01 27.02
C ASP A 235 -32.01 -44.72 25.70
N LEU A 236 -31.83 -43.93 24.66
CA LEU A 236 -31.45 -44.43 23.36
C LEU A 236 -30.00 -44.01 23.16
N SER A 237 -29.16 -44.92 22.70
CA SER A 237 -27.75 -44.63 22.53
C SER A 237 -27.28 -44.82 21.10
N LEU A 238 -26.60 -43.80 20.56
CA LEU A 238 -25.98 -43.90 19.25
C LEU A 238 -24.48 -44.12 19.42
N ASN A 239 -24.02 -45.26 18.94
CA ASN A 239 -22.61 -45.61 19.08
C ASN A 239 -21.82 -45.14 17.89
N PHE A 240 -21.18 -43.99 18.01
CA PHE A 240 -20.43 -43.41 16.90
C PHE A 240 -18.98 -43.92 16.88
N VAL A 241 -18.62 -44.74 17.86
CA VAL A 241 -17.27 -45.32 17.89
C VAL A 241 -16.95 -46.11 16.62
N THR A 242 -17.96 -46.77 16.05
CA THR A 242 -17.79 -47.38 14.73
C THR A 242 -18.95 -47.01 13.80
N GLY A 243 -18.71 -47.10 12.49
CA GLY A 243 -19.76 -46.89 11.51
C GLY A 243 -19.70 -45.60 10.72
N LEU A 244 -18.93 -44.62 11.19
CA LEU A 244 -18.84 -43.34 10.48
C LEU A 244 -18.02 -43.48 9.20
N LEU A 245 -18.51 -42.91 8.10
CA LEU A 245 -17.76 -42.91 6.84
C LEU A 245 -16.52 -42.00 6.85
N PRO A 246 -15.34 -42.56 6.56
CA PRO A 246 -14.16 -41.73 6.36
C PRO A 246 -14.49 -40.56 5.44
N PRO A 247 -13.93 -39.37 5.71
CA PRO A 247 -12.94 -39.06 6.75
C PRO A 247 -13.54 -38.51 8.05
N LEU A 248 -14.84 -38.64 8.25
CA LEU A 248 -15.43 -38.25 9.52
C LEU A 248 -14.94 -39.20 10.61
N LEU A 249 -14.58 -38.65 11.78
CA LEU A 249 -14.12 -39.48 12.90
C LEU A 249 -15.02 -39.35 14.14
N THR A 250 -14.90 -40.30 15.06
CA THR A 250 -15.72 -40.29 16.25
C THR A 250 -15.73 -38.92 16.94
N GLY A 251 -14.56 -38.32 17.10
CA GLY A 251 -14.43 -37.03 17.76
C GLY A 251 -15.21 -35.91 17.07
N ASP A 252 -15.52 -36.09 15.80
CA ASP A 252 -16.27 -35.08 15.03
C ASP A 252 -17.73 -34.98 15.48
N THR A 253 -18.19 -35.92 16.31
CA THR A 253 -19.57 -35.88 16.77
C THR A 253 -19.71 -35.35 18.19
N GLU A 254 -18.62 -34.81 18.74
CA GLU A 254 -18.66 -34.30 20.11
C GLU A 254 -19.35 -32.96 20.18
N PRO A 255 -20.30 -32.83 21.11
CA PRO A 255 -21.03 -31.58 21.35
C PRO A 255 -20.10 -30.49 21.84
N ALA A 256 -20.44 -29.24 21.53
CA ALA A 256 -19.65 -28.12 22.01
C ALA A 256 -19.76 -27.99 23.53
N PHE A 257 -20.78 -28.60 24.13
CA PHE A 257 -20.84 -28.67 25.59
C PHE A 257 -20.16 -29.95 26.07
N HIS A 258 -19.37 -30.54 25.18
CA HIS A 258 -18.61 -31.75 25.50
C HIS A 258 -19.47 -32.84 26.13
N ASN A 259 -19.10 -33.27 27.34
CA ASN A 259 -19.81 -34.36 27.99
C ASN A 259 -20.73 -33.95 29.16
N ASP A 260 -21.13 -32.69 29.19
CA ASP A 260 -22.09 -32.21 30.20
C ASP A 260 -23.43 -32.89 29.98
N VAL A 261 -24.19 -33.02 31.07
CA VAL A 261 -25.58 -33.47 30.95
C VAL A 261 -26.46 -32.25 30.63
N VAL A 262 -27.29 -32.38 29.59
CA VAL A 262 -28.13 -31.28 29.15
C VAL A 262 -29.54 -31.77 28.87
N THR A 263 -30.43 -30.85 28.52
CA THR A 263 -31.77 -31.21 28.05
C THR A 263 -31.98 -30.50 26.72
N TYR A 264 -31.18 -30.89 25.72
CA TYR A 264 -31.05 -30.10 24.49
C TYR A 264 -31.89 -30.67 23.34
N GLY A 265 -32.65 -29.80 22.66
CA GLY A 265 -33.38 -30.23 21.48
C GLY A 265 -34.58 -31.06 21.84
N ALA A 266 -35.14 -30.80 23.01
CA ALA A 266 -36.32 -31.52 23.48
C ALA A 266 -37.46 -31.38 22.48
N GLN A 267 -38.08 -32.51 22.16
CA GLN A 267 -39.12 -32.56 21.17
C GLN A 267 -40.07 -33.71 21.51
N THR A 268 -41.15 -33.80 20.75
CA THR A 268 -42.13 -34.86 20.92
C THR A 268 -42.04 -35.84 19.74
N VAL A 269 -42.06 -37.14 20.03
CA VAL A 269 -42.05 -38.15 18.98
C VAL A 269 -43.08 -39.25 19.23
N ALA A 270 -43.73 -39.71 18.17
CA ALA A 270 -44.77 -40.71 18.31
C ALA A 270 -44.25 -42.09 17.96
N ILE A 271 -44.45 -43.03 18.88
CA ILE A 271 -43.91 -44.38 18.75
C ILE A 271 -45.08 -45.35 18.73
N GLY A 272 -45.17 -46.17 17.69
CA GLY A 272 -46.25 -47.13 17.61
C GLY A 272 -45.95 -48.33 18.49
N LEU A 273 -46.75 -48.55 19.54
CA LEU A 273 -46.55 -49.71 20.41
C LEU A 273 -47.58 -50.77 20.09
N SER A 274 -47.13 -52.01 19.93
CA SER A 274 -48.04 -53.12 19.68
C SER A 274 -47.58 -54.43 20.32
N SER A 275 -48.42 -55.45 20.17
CA SER A 275 -48.09 -56.81 20.59
C SER A 275 -48.47 -57.76 19.47
N GLY A 276 -48.24 -57.35 18.23
CA GLY A 276 -48.61 -58.16 17.09
C GLY A 276 -49.77 -57.60 16.28
N GLY A 277 -50.64 -56.84 16.93
CA GLY A 277 -51.81 -56.28 16.27
C GLY A 277 -51.56 -54.88 15.74
N THR A 278 -52.63 -54.08 15.66
CA THR A 278 -52.52 -52.69 15.22
C THR A 278 -51.93 -51.81 16.32
N PRO A 279 -50.88 -51.04 15.97
CA PRO A 279 -50.13 -50.25 16.94
C PRO A 279 -50.95 -49.14 17.56
N GLN A 280 -50.68 -48.85 18.82
CA GLN A 280 -51.19 -47.64 19.44
C GLN A 280 -50.03 -46.65 19.52
N TYR A 281 -50.24 -45.44 19.03
CA TYR A 281 -49.14 -44.47 19.00
C TYR A 281 -49.06 -43.62 20.25
N MET A 282 -47.91 -43.68 20.91
CA MET A 282 -47.70 -42.98 22.15
C MET A 282 -46.82 -41.79 21.85
N SER A 283 -47.17 -40.64 22.42
CA SER A 283 -46.39 -39.43 22.29
C SER A 283 -45.36 -39.37 23.40
N LYS A 284 -44.10 -39.57 23.05
CA LYS A 284 -43.03 -39.51 24.03
C LYS A 284 -42.19 -38.24 23.85
N ASN A 285 -41.34 -37.97 24.82
CA ASN A 285 -40.55 -36.75 24.90
C ASN A 285 -39.12 -37.21 24.73
N LEU A 286 -38.42 -36.65 23.74
CA LEU A 286 -37.05 -37.06 23.45
C LEU A 286 -36.12 -35.84 23.46
N TRP A 287 -34.94 -35.99 24.04
CA TRP A 287 -33.92 -34.95 23.95
C TRP A 287 -32.51 -35.52 23.98
N VAL A 288 -31.56 -34.71 23.51
CA VAL A 288 -30.15 -35.06 23.62
C VAL A 288 -29.77 -34.82 25.07
N GLU A 289 -29.21 -35.83 25.73
CA GLU A 289 -28.85 -35.65 27.14
C GLU A 289 -27.36 -35.68 27.45
N GLN A 290 -26.58 -36.47 26.73
CA GLN A 290 -25.13 -36.53 26.97
C GLN A 290 -24.38 -37.30 25.91
N TRP A 291 -23.21 -36.78 25.54
CA TRP A 291 -22.26 -37.52 24.72
C TRP A 291 -21.13 -37.90 25.66
N GLN A 292 -20.71 -39.15 25.61
CA GLN A 292 -19.61 -39.62 26.45
C GLN A 292 -18.80 -40.64 25.66
N ASP A 293 -17.55 -40.32 25.38
CA ASP A 293 -16.66 -41.22 24.66
C ASP A 293 -17.26 -41.79 23.37
N GLY A 294 -17.74 -40.92 22.49
CA GLY A 294 -18.20 -41.37 21.20
C GLY A 294 -19.60 -41.94 21.16
N VAL A 295 -20.25 -42.03 22.33
CA VAL A 295 -21.62 -42.54 22.42
C VAL A 295 -22.60 -41.44 22.77
N LEU A 296 -23.58 -41.23 21.91
CA LEU A 296 -24.53 -40.15 22.13
C LEU A 296 -25.80 -40.71 22.76
N ARG A 297 -26.16 -40.19 23.93
CA ARG A 297 -27.35 -40.63 24.63
C ARG A 297 -28.54 -39.67 24.47
N LEU A 298 -29.69 -40.23 24.12
CA LEU A 298 -30.92 -39.49 24.03
C LEU A 298 -31.89 -40.05 25.07
N ARG A 299 -32.52 -39.16 25.82
CA ARG A 299 -33.55 -39.56 26.78
C ARG A 299 -34.89 -39.71 26.05
N VAL A 300 -35.64 -40.76 26.41
CA VAL A 300 -36.98 -40.96 25.89
C VAL A 300 -37.90 -41.30 27.06
N GLU A 301 -38.78 -40.38 27.41
CA GLU A 301 -39.66 -40.60 28.55
C GLU A 301 -40.99 -39.88 28.37
N GLY A 302 -41.92 -40.14 29.29
CA GLY A 302 -43.19 -39.44 29.31
C GLY A 302 -44.24 -40.01 28.39
N GLY A 303 -45.45 -39.46 28.51
CA GLY A 303 -46.52 -39.72 27.57
C GLY A 303 -47.35 -40.97 27.81
N GLY A 304 -47.19 -41.58 28.96
CA GLY A 304 -48.03 -42.72 29.27
C GLY A 304 -47.45 -44.03 28.81
N SER A 305 -48.16 -45.11 29.09
CA SER A 305 -47.62 -46.45 28.89
C SER A 305 -48.73 -47.48 28.67
N ILE A 306 -48.47 -48.42 27.77
CA ILE A 306 -49.31 -49.60 27.65
C ILE A 306 -48.43 -50.83 27.67
N THR A 307 -49.06 -51.99 27.81
CA THR A 307 -48.39 -53.28 27.75
C THR A 307 -48.12 -53.64 26.30
N HIS A 308 -46.88 -53.98 25.98
CA HIS A 308 -46.53 -54.16 24.56
C HIS A 308 -45.23 -54.94 24.42
N SER A 309 -45.01 -55.50 23.24
CA SER A 309 -43.81 -56.28 22.97
C SER A 309 -42.97 -55.71 21.81
N ASN A 310 -43.57 -54.86 20.98
CA ASN A 310 -42.89 -54.28 19.83
C ASN A 310 -43.09 -52.78 19.74
N SER A 311 -42.12 -52.09 19.16
CA SER A 311 -42.20 -50.66 18.99
C SER A 311 -41.81 -50.25 17.58
N LYS A 312 -42.58 -49.32 17.03
CA LYS A 312 -42.33 -48.80 15.71
C LYS A 312 -41.96 -47.32 15.84
N TRP A 313 -40.70 -47.01 15.59
CA TRP A 313 -40.14 -45.68 15.82
C TRP A 313 -40.17 -44.90 14.51
N PRO A 314 -40.48 -43.59 14.58
CA PRO A 314 -40.53 -42.76 13.38
C PRO A 314 -39.12 -42.34 13.03
N ALA A 315 -38.92 -41.80 11.82
CA ALA A 315 -37.69 -41.10 11.50
C ALA A 315 -37.56 -39.88 12.42
N MET A 316 -36.34 -39.65 12.92
CA MET A 316 -36.06 -38.58 13.88
C MET A 316 -34.74 -37.93 13.53
N THR A 317 -34.72 -36.60 13.48
CA THR A 317 -33.46 -35.90 13.27
C THR A 317 -32.95 -35.36 14.61
N VAL A 318 -31.69 -35.67 14.91
CA VAL A 318 -31.05 -35.25 16.14
C VAL A 318 -29.98 -34.21 15.82
N SER A 319 -30.08 -33.03 16.43
CA SER A 319 -29.17 -31.91 16.12
C SER A 319 -28.58 -31.34 17.40
N TYR A 320 -27.34 -30.85 17.31
CA TYR A 320 -26.74 -30.16 18.45
C TYR A 320 -25.52 -29.36 18.03
N PRO A 321 -25.14 -28.35 18.83
CA PRO A 321 -23.92 -27.61 18.53
C PRO A 321 -22.68 -28.50 18.68
N ARG A 322 -21.79 -28.40 17.69
CA ARG A 322 -20.67 -29.30 17.56
C ARG A 322 -19.37 -28.67 18.06
N SER A 323 -18.50 -29.52 18.60
CA SER A 323 -17.20 -29.11 19.09
C SER A 323 -16.28 -28.48 18.03
N PHE A 324 -15.48 -27.51 18.43
CA PHE A 324 -14.45 -26.95 17.54
C PHE A 324 -13.20 -26.60 18.33
N THR A 325 -12.06 -26.49 17.66
CA THR A 325 -10.85 -26.03 18.34
C THR A 325 -10.45 -24.64 17.87
N SER B 31 102.37 66.12 -52.02
CA SER B 31 101.17 65.29 -51.90
C SER B 31 99.90 66.14 -52.01
N GLY B 32 99.72 66.73 -53.19
CA GLY B 32 98.68 67.73 -53.41
C GLY B 32 97.45 67.28 -54.18
N ARG B 33 96.40 66.94 -53.43
CA ARG B 33 95.08 66.76 -53.99
C ARG B 33 94.43 68.14 -54.11
N PRO B 34 93.82 68.43 -55.26
CA PRO B 34 93.22 69.74 -55.49
C PRO B 34 92.41 70.25 -54.30
N VAL B 35 91.48 69.45 -53.81
CA VAL B 35 90.67 69.85 -52.65
C VAL B 35 91.03 69.04 -51.41
N LEU B 36 91.36 69.74 -50.33
CA LEU B 36 91.74 69.08 -49.08
C LEU B 36 90.59 68.98 -48.07
N ASN B 37 90.03 67.78 -47.93
CA ASN B 37 89.01 67.54 -46.91
C ASN B 37 89.57 67.72 -45.50
N GLN B 38 88.83 68.43 -44.65
CA GLN B 38 89.23 68.65 -43.28
C GLN B 38 88.06 68.36 -42.36
N GLY B 39 88.33 67.71 -41.24
CA GLY B 39 87.26 67.33 -40.34
C GLY B 39 86.34 66.33 -41.02
N VAL B 40 85.05 66.48 -40.81
CA VAL B 40 84.07 65.55 -41.37
C VAL B 40 83.38 66.15 -42.60
N THR B 41 83.55 65.47 -43.73
CA THR B 41 82.95 65.90 -44.99
C THR B 41 81.82 65.00 -45.50
N SER B 42 81.61 63.86 -44.87
CA SER B 42 80.48 63.00 -45.24
C SER B 42 80.00 62.12 -44.09
N ALA B 43 78.82 61.53 -44.26
CA ALA B 43 78.27 60.64 -43.24
C ALA B 43 77.31 59.60 -43.81
N GLY B 44 77.22 58.46 -43.14
CA GLY B 44 76.26 57.42 -43.50
C GLY B 44 74.95 57.63 -42.77
N ALA B 45 73.84 57.35 -43.46
CA ALA B 45 72.53 57.35 -42.83
C ALA B 45 72.59 56.50 -41.57
N PRO B 46 71.89 56.92 -40.49
CA PRO B 46 70.92 58.01 -40.45
C PRO B 46 71.49 59.41 -40.24
N LEU B 47 72.80 59.58 -40.36
CA LEU B 47 73.41 60.90 -40.29
C LEU B 47 73.35 61.61 -41.66
N SER B 48 72.99 62.89 -41.65
CA SER B 48 72.97 63.66 -42.90
C SER B 48 73.45 65.08 -42.72
N ILE B 49 73.98 65.63 -43.81
CA ILE B 49 74.61 66.94 -43.83
C ILE B 49 73.93 67.91 -44.80
N ARG B 50 73.47 69.03 -44.28
CA ARG B 50 72.89 70.07 -45.11
C ARG B 50 73.38 71.43 -44.62
N ASN B 51 73.97 72.20 -45.54
CA ASN B 51 74.56 73.49 -45.22
C ASN B 51 75.60 73.39 -44.09
N ASN B 52 76.45 72.37 -44.20
CA ASN B 52 77.53 72.12 -43.25
C ASN B 52 77.05 71.79 -41.85
N ARG B 53 75.77 71.44 -41.75
CA ARG B 53 75.19 71.09 -40.47
C ARG B 53 74.76 69.64 -40.51
N MET B 54 75.08 68.88 -39.46
CA MET B 54 74.72 67.46 -39.44
C MET B 54 73.49 67.21 -38.60
N THR B 55 72.62 66.34 -39.09
CA THR B 55 71.45 65.94 -38.34
C THR B 55 71.22 64.42 -38.46
N MET B 56 70.25 63.94 -37.72
CA MET B 56 69.97 62.53 -37.67
C MET B 56 68.47 62.36 -37.91
N GLY B 57 68.10 61.56 -38.91
CA GLY B 57 66.69 61.31 -39.18
C GLY B 57 66.12 60.31 -38.20
N LEU B 58 64.87 60.52 -37.78
CA LEU B 58 64.24 59.66 -36.76
C LEU B 58 62.90 59.19 -37.21
N ASN B 59 62.68 57.88 -37.20
CA ASN B 59 61.33 57.36 -37.42
C ASN B 59 60.48 57.50 -36.14
N ASP B 60 59.17 57.35 -36.29
CA ASP B 60 58.27 57.27 -35.14
C ASP B 60 58.78 56.23 -34.15
N GLY B 61 58.74 56.54 -32.86
CA GLY B 61 59.29 55.66 -31.86
C GLY B 61 60.54 56.26 -31.25
N LEU B 62 61.29 57.01 -32.05
CA LEU B 62 62.43 57.76 -31.55
C LEU B 62 62.13 59.27 -31.62
N THR B 63 62.59 60.01 -30.63
CA THR B 63 62.29 61.43 -30.55
C THR B 63 63.37 62.18 -29.73
N LEU B 64 63.15 63.48 -29.52
CA LEU B 64 64.03 64.29 -28.68
C LEU B 64 63.34 64.68 -27.41
N SER B 65 64.02 64.48 -26.29
CA SER B 65 63.54 64.97 -25.01
C SER B 65 64.61 65.91 -24.48
N GLY B 66 64.38 67.20 -24.68
CA GLY B 66 65.39 68.20 -24.41
C GLY B 66 66.41 68.14 -25.52
N ASN B 67 67.65 67.82 -25.17
CA ASN B 67 68.68 67.71 -26.19
C ASN B 67 69.07 66.27 -26.51
N ASN B 68 68.41 65.33 -25.85
CA ASN B 68 68.79 63.93 -25.95
C ASN B 68 67.84 63.09 -26.81
N LEU B 69 68.40 62.03 -27.40
CA LEU B 69 67.59 61.03 -28.09
C LEU B 69 66.79 60.25 -27.04
N ALA B 70 65.49 60.09 -27.28
CA ALA B 70 64.59 59.39 -26.36
C ALA B 70 63.71 58.42 -27.11
N ILE B 71 63.23 57.41 -26.40
CA ILE B 71 62.20 56.53 -26.94
C ILE B 71 60.84 57.15 -26.67
N ARG B 72 60.00 57.19 -27.68
CA ARG B 72 58.65 57.74 -27.53
C ARG B 72 57.60 56.66 -27.28
N LEU B 73 56.87 56.79 -26.18
CA LEU B 73 55.87 55.82 -25.80
C LEU B 73 54.49 56.47 -25.67
N PRO B 74 53.82 56.68 -26.80
CA PRO B 74 52.54 57.40 -26.80
C PRO B 74 51.44 56.63 -26.08
N GLY B 75 50.58 57.36 -25.36
CA GLY B 75 49.47 56.75 -24.64
C GLY B 75 49.94 55.86 -23.49
N ASN B 76 49.04 54.98 -23.05
CA ASN B 76 49.34 54.01 -22.00
C ASN B 76 49.06 52.60 -22.50
N THR B 77 50.12 51.86 -22.81
CA THR B 77 49.92 50.52 -23.36
C THR B 77 50.73 49.45 -22.64
N GLY B 78 51.24 49.79 -21.46
CA GLY B 78 52.00 48.84 -20.66
C GLY B 78 53.51 49.06 -20.70
N LEU B 79 53.95 49.94 -21.58
CA LEU B 79 55.37 50.28 -21.68
C LEU B 79 55.62 51.59 -20.96
N ASN B 80 56.80 51.72 -20.38
CA ASN B 80 57.16 52.94 -19.67
C ASN B 80 58.67 53.04 -19.46
N ILE B 81 59.20 54.27 -19.47
CA ILE B 81 60.60 54.49 -19.15
C ILE B 81 60.75 54.62 -17.64
N GLN B 82 61.34 53.59 -17.04
CA GLN B 82 61.46 53.52 -15.59
C GLN B 82 62.66 52.65 -15.25
N ASN B 83 63.13 52.74 -14.01
CA ASN B 83 64.25 51.91 -13.55
C ASN B 83 65.48 52.00 -14.47
N GLY B 84 65.63 53.12 -15.14
CA GLY B 84 66.81 53.36 -15.96
C GLY B 84 66.62 53.01 -17.43
N GLY B 85 65.52 52.35 -17.76
CA GLY B 85 65.27 51.99 -19.14
C GLY B 85 63.86 51.60 -19.53
N LEU B 86 63.75 50.92 -20.66
CA LEU B 86 62.47 50.45 -21.16
C LEU B 86 62.01 49.21 -20.39
N GLN B 87 60.84 49.31 -19.78
CA GLN B 87 60.26 48.17 -19.08
C GLN B 87 58.79 47.96 -19.42
N PHE B 88 58.32 46.75 -19.25
CA PHE B 88 56.91 46.42 -19.46
C PHE B 88 56.24 46.28 -18.10
N ARG B 89 55.03 46.83 -17.97
CA ARG B 89 54.32 46.86 -16.69
C ARG B 89 53.08 45.97 -16.71
N PHE B 90 52.80 45.34 -15.57
CA PHE B 90 51.70 44.40 -15.47
C PHE B 90 51.16 44.33 -14.04
N ASN B 91 49.93 43.87 -13.91
CA ASN B 91 49.31 43.71 -12.60
C ASN B 91 49.99 42.57 -11.84
N THR B 92 50.58 42.90 -10.70
CA THR B 92 51.39 41.95 -9.94
C THR B 92 50.53 40.94 -9.16
N ASP B 93 49.23 40.94 -9.43
CA ASP B 93 48.34 39.94 -8.87
C ASP B 93 47.92 38.95 -9.95
N GLN B 94 47.92 39.41 -11.19
CA GLN B 94 47.46 38.61 -12.31
C GLN B 94 48.60 37.98 -13.09
N PHE B 95 49.72 38.70 -13.17
CA PHE B 95 50.84 38.26 -13.98
C PHE B 95 52.15 38.25 -13.21
N GLN B 96 53.11 37.46 -13.71
CA GLN B 96 54.47 37.48 -13.20
C GLN B 96 55.46 37.14 -14.31
N ILE B 97 56.75 37.26 -14.01
CA ILE B 97 57.79 36.99 -15.00
C ILE B 97 58.60 35.74 -14.67
N VAL B 98 58.59 34.78 -15.59
CA VAL B 98 59.31 33.52 -15.39
C VAL B 98 60.18 33.23 -16.60
N ASN B 99 61.49 33.20 -16.40
CA ASN B 99 62.45 33.13 -17.52
C ASN B 99 62.25 34.28 -18.50
N ASN B 100 62.03 35.48 -17.98
CA ASN B 100 61.75 36.65 -18.82
C ASN B 100 60.62 36.38 -19.82
N ASN B 101 59.58 35.71 -19.34
CA ASN B 101 58.35 35.46 -20.10
C ASN B 101 57.14 35.92 -19.30
N LEU B 102 56.24 36.67 -19.94
CA LEU B 102 54.98 37.05 -19.30
C LEU B 102 54.22 35.80 -18.93
N THR B 103 53.85 35.68 -17.65
CA THR B 103 53.21 34.46 -17.16
C THR B 103 52.02 34.73 -16.24
N LEU B 104 50.95 33.97 -16.44
CA LEU B 104 49.79 34.04 -15.56
C LEU B 104 50.12 33.53 -14.16
N LYS B 105 49.76 34.31 -13.14
CA LYS B 105 49.83 33.83 -11.76
C LYS B 105 48.76 32.77 -11.53
N THR B 106 49.14 31.66 -10.91
CA THR B 106 48.19 30.57 -10.70
C THR B 106 47.09 30.97 -9.72
N THR B 107 47.34 32.03 -8.96
CA THR B 107 46.39 32.48 -7.95
C THR B 107 45.15 33.15 -8.54
N VAL B 108 45.16 33.37 -9.85
CA VAL B 108 44.01 34.00 -10.51
C VAL B 108 42.95 32.97 -10.89
N PHE B 109 43.31 31.69 -10.79
CA PHE B 109 42.40 30.60 -11.15
C PHE B 109 41.94 29.85 -9.92
N ASP B 110 42.63 30.09 -8.80
CA ASP B 110 42.42 29.28 -7.60
C ASP B 110 40.99 29.37 -7.03
N SER B 111 40.45 30.58 -6.94
CA SER B 111 39.09 30.77 -6.45
C SER B 111 38.06 30.09 -7.36
N ILE B 112 38.48 29.74 -8.56
CA ILE B 112 37.64 28.99 -9.48
C ILE B 112 37.81 27.49 -9.25
N ASN B 113 39.06 27.06 -9.05
CA ASN B 113 39.33 25.64 -8.86
C ASN B 113 38.82 25.08 -7.53
N SER B 114 38.70 25.94 -6.52
CA SER B 114 38.23 25.52 -5.21
C SER B 114 36.71 25.46 -5.14
N ARG B 115 36.05 26.33 -5.90
CA ARG B 115 34.59 26.32 -5.98
C ARG B 115 34.12 25.08 -6.73
N ILE B 116 34.78 24.77 -7.84
CA ILE B 116 34.48 23.56 -8.59
C ILE B 116 34.85 22.32 -7.79
N GLY B 117 36.03 22.34 -7.19
CA GLY B 117 36.48 21.24 -6.35
C GLY B 117 35.54 21.01 -5.18
N ALA B 118 34.83 22.05 -4.77
CA ALA B 118 33.88 21.97 -3.67
C ALA B 118 32.58 21.30 -4.09
N ILE B 119 32.34 21.29 -5.40
CA ILE B 119 31.17 20.63 -5.96
C ILE B 119 31.52 19.19 -6.37
N GLU B 120 32.75 19.00 -6.81
CA GLU B 120 33.22 17.67 -7.20
C GLU B 120 33.33 16.72 -6.03
N GLN B 121 33.60 17.25 -4.85
CA GLN B 121 33.83 16.43 -3.66
C GLN B 121 32.59 15.64 -3.28
N SER B 122 31.42 16.12 -3.72
CA SER B 122 30.16 15.44 -3.42
C SER B 122 29.00 16.06 -4.20
N TYR B 123 28.49 15.31 -5.17
CA TYR B 123 27.27 15.70 -5.86
C TYR B 123 26.61 14.48 -6.53
N VAL B 124 25.36 14.63 -6.95
CA VAL B 124 24.64 13.53 -7.59
C VAL B 124 24.68 13.62 -9.11
N ALA B 125 25.27 12.61 -9.74
CA ALA B 125 25.36 12.56 -11.19
C ALA B 125 24.36 11.56 -11.77
N SER B 126 24.17 10.45 -11.06
CA SER B 126 23.26 9.40 -11.50
C SER B 126 22.38 8.87 -10.37
N ALA B 127 21.23 8.32 -10.72
CA ALA B 127 20.30 7.77 -9.72
C ALA B 127 19.81 6.38 -10.12
N VAL B 128 19.49 5.57 -9.11
CA VAL B 128 18.99 4.21 -9.35
C VAL B 128 17.51 4.11 -9.00
N THR B 129 16.74 3.43 -9.84
CA THR B 129 15.31 3.21 -9.58
C THR B 129 15.11 2.76 -8.14
N PRO B 130 14.01 3.18 -7.50
CA PRO B 130 12.90 3.97 -8.08
C PRO B 130 13.23 5.45 -8.29
N LEU B 131 14.47 5.85 -8.01
CA LEU B 131 14.89 7.23 -8.22
C LEU B 131 15.17 7.50 -9.69
N ARG B 132 14.73 8.64 -10.19
CA ARG B 132 14.92 8.97 -11.60
C ARG B 132 15.42 10.40 -11.81
N LEU B 133 16.61 10.52 -12.41
CA LEU B 133 17.20 11.82 -12.72
C LEU B 133 17.18 12.10 -14.22
N ASN B 134 16.38 13.10 -14.61
CA ASN B 134 16.40 13.57 -16.00
C ASN B 134 17.61 14.47 -16.21
N SER B 135 18.62 13.96 -16.92
CA SER B 135 19.88 14.68 -17.14
C SER B 135 19.70 16.02 -17.85
N SER B 136 18.63 16.17 -18.60
CA SER B 136 18.42 17.36 -19.42
C SER B 136 17.69 18.48 -18.67
N THR B 137 16.95 18.12 -17.63
CA THR B 137 16.20 19.10 -16.85
C THR B 137 16.78 19.24 -15.45
N LYS B 138 17.73 18.36 -15.12
CA LYS B 138 18.38 18.35 -13.82
C LYS B 138 17.37 18.10 -12.69
N VAL B 139 16.25 17.47 -13.04
CA VAL B 139 15.18 17.21 -12.08
C VAL B 139 15.21 15.78 -11.55
N LEU B 140 15.08 15.64 -10.23
CA LEU B 140 15.04 14.32 -9.61
C LEU B 140 13.64 13.99 -9.12
N ASP B 141 13.15 12.81 -9.48
CA ASP B 141 11.85 12.35 -9.02
C ASP B 141 11.89 10.86 -8.67
N MET B 142 10.80 10.37 -8.08
CA MET B 142 10.72 8.98 -7.66
C MET B 142 9.60 8.25 -8.39
N LEU B 143 9.88 7.03 -8.83
CA LEU B 143 8.89 6.21 -9.52
C LEU B 143 8.15 5.32 -8.53
N ILE B 144 6.83 5.50 -8.43
CA ILE B 144 6.02 4.69 -7.52
C ILE B 144 4.94 3.90 -8.24
N ASP B 145 4.18 3.12 -7.48
CA ASP B 145 3.03 2.39 -8.01
C ASP B 145 1.74 3.00 -7.46
N SER B 146 0.83 3.35 -8.35
CA SER B 146 -0.42 4.01 -7.97
C SER B 146 -1.28 3.18 -7.01
N SER B 147 -1.47 1.90 -7.36
CA SER B 147 -2.36 1.05 -6.58
C SER B 147 -1.90 0.87 -5.14
N THR B 148 -0.59 0.80 -4.93
CA THR B 148 -0.04 0.51 -3.62
C THR B 148 0.35 1.76 -2.82
N LEU B 149 0.92 2.75 -3.50
CA LEU B 149 1.45 3.94 -2.82
C LEU B 149 0.89 5.24 -3.39
N GLU B 150 0.83 6.27 -2.54
CA GLU B 150 0.36 7.58 -2.97
C GLU B 150 1.09 8.72 -2.26
N ILE B 151 1.10 9.89 -2.87
CA ILE B 151 1.62 11.09 -2.23
C ILE B 151 0.46 11.89 -1.64
N ASN B 152 0.50 12.13 -0.35
CA ASN B 152 -0.58 12.82 0.34
C ASN B 152 -0.62 14.33 0.06
N SER B 153 -1.42 15.04 0.85
CA SER B 153 -1.58 16.48 0.69
C SER B 153 -0.50 17.24 1.46
N SER B 154 0.55 16.52 1.85
CA SER B 154 1.69 17.13 2.51
C SER B 154 2.99 16.75 1.81
N GLY B 155 2.85 16.14 0.63
CA GLY B 155 3.99 15.75 -0.17
C GLY B 155 4.66 14.47 0.33
N GLN B 156 4.13 13.92 1.42
CA GLN B 156 4.69 12.71 2.01
C GLN B 156 4.34 11.47 1.19
N LEU B 157 5.27 10.53 1.13
CA LEU B 157 5.01 9.22 0.55
C LEU B 157 4.27 8.39 1.58
N THR B 158 3.20 7.73 1.17
CA THR B 158 2.42 6.91 2.09
C THR B 158 1.78 5.72 1.39
N VAL B 159 1.52 4.67 2.17
CA VAL B 159 0.84 3.50 1.65
C VAL B 159 -0.63 3.84 1.44
N ARG B 160 -1.17 3.46 0.29
CA ARG B 160 -2.56 3.71 -0.04
C ARG B 160 -3.46 2.76 0.74
N SER B 161 -4.40 3.31 1.50
CA SER B 161 -5.35 2.49 2.26
C SER B 161 -6.22 1.66 1.32
N THR B 162 -5.92 0.37 1.22
CA THR B 162 -6.59 -0.48 0.25
C THR B 162 -7.65 -1.39 0.85
N SER B 163 -8.77 -1.53 0.15
CA SER B 163 -9.82 -2.48 0.55
C SER B 163 -9.36 -3.91 0.27
N PRO B 164 -9.31 -4.74 1.32
CA PRO B 164 -8.84 -6.12 1.17
C PRO B 164 -9.81 -6.90 0.30
N ASN B 165 -9.34 -7.97 -0.33
CA ASN B 165 -10.20 -8.76 -1.22
C ASN B 165 -11.07 -9.77 -0.45
N LEU B 166 -12.37 -9.49 -0.36
CA LEU B 166 -13.29 -10.28 0.44
C LEU B 166 -14.28 -11.08 -0.42
N ARG B 167 -14.78 -12.18 0.13
CA ARG B 167 -15.79 -13.01 -0.53
C ARG B 167 -16.97 -13.26 0.40
N TYR B 168 -18.17 -12.88 -0.05
CA TYR B 168 -19.39 -13.12 0.69
C TYR B 168 -19.35 -14.54 1.25
N PRO B 169 -19.81 -14.75 2.49
CA PRO B 169 -20.46 -13.78 3.38
C PRO B 169 -19.49 -12.88 4.15
N ILE B 170 -18.20 -12.97 3.89
CA ILE B 170 -17.26 -12.03 4.50
C ILE B 170 -17.35 -10.72 3.72
N ALA B 171 -17.48 -9.61 4.42
CA ALA B 171 -17.74 -8.34 3.76
C ALA B 171 -17.28 -7.14 4.57
N ASP B 172 -17.18 -6.00 3.90
CA ASP B 172 -16.90 -4.74 4.57
C ASP B 172 -18.07 -4.39 5.47
N VAL B 173 -17.82 -4.30 6.78
CA VAL B 173 -18.85 -3.92 7.72
C VAL B 173 -18.37 -2.68 8.49
N SER B 174 -19.10 -1.58 8.31
CA SER B 174 -18.71 -0.27 8.85
C SER B 174 -17.20 -0.07 8.93
N GLY B 175 -16.51 -0.33 7.81
CA GLY B 175 -15.10 0.02 7.70
C GLY B 175 -14.11 -1.13 7.86
N GLY B 176 -14.58 -2.26 8.39
CA GLY B 176 -13.68 -3.37 8.67
C GLY B 176 -14.08 -4.69 8.03
N ILE B 177 -13.24 -5.70 8.25
CA ILE B 177 -13.51 -7.04 7.77
C ILE B 177 -14.51 -7.69 8.72
N GLY B 178 -15.75 -7.87 8.24
CA GLY B 178 -16.80 -8.40 9.09
C GLY B 178 -17.61 -9.49 8.44
N MET B 179 -18.72 -9.86 9.09
CA MET B 179 -19.65 -10.82 8.54
C MET B 179 -20.89 -10.07 8.04
N SER B 180 -21.26 -10.30 6.78
CA SER B 180 -22.37 -9.60 6.16
C SER B 180 -23.69 -9.74 6.92
N PRO B 181 -24.36 -8.62 7.21
CA PRO B 181 -25.65 -8.70 7.89
C PRO B 181 -26.69 -9.48 7.09
N ASN B 182 -26.57 -9.51 5.76
CA ASN B 182 -27.50 -10.26 4.93
C ASN B 182 -27.33 -11.76 5.07
N TYR B 183 -26.14 -12.20 5.46
CA TYR B 183 -25.90 -13.61 5.68
C TYR B 183 -26.43 -14.02 7.05
N ARG B 184 -26.33 -13.10 8.01
CA ARG B 184 -26.72 -13.39 9.37
C ARG B 184 -28.24 -13.50 9.53
N PHE B 185 -28.98 -12.68 8.77
CA PHE B 185 -30.44 -12.70 8.86
C PHE B 185 -31.09 -11.99 7.67
N ARG B 186 -32.20 -12.55 7.21
CA ARG B 186 -32.92 -12.04 6.05
C ARG B 186 -34.33 -12.60 6.16
N GLN B 187 -35.34 -11.75 6.05
CA GLN B 187 -36.70 -12.27 6.08
C GLN B 187 -37.47 -11.92 4.83
N SER B 188 -38.38 -12.81 4.47
CA SER B 188 -39.25 -12.59 3.34
C SER B 188 -40.51 -13.42 3.55
N MET B 189 -41.26 -13.67 2.46
CA MET B 189 -42.48 -14.45 2.52
C MET B 189 -42.57 -15.27 1.25
N TRP B 190 -43.30 -16.37 1.31
CA TRP B 190 -43.74 -17.08 0.14
C TRP B 190 -45.25 -17.18 0.18
N ILE B 191 -45.91 -16.66 -0.85
CA ILE B 191 -47.36 -16.80 -0.94
C ILE B 191 -47.70 -17.67 -2.12
N GLY B 192 -48.11 -18.91 -1.82
CA GLY B 192 -48.18 -19.93 -2.85
C GLY B 192 -48.96 -21.19 -2.54
N ILE B 193 -48.72 -22.22 -3.34
CA ILE B 193 -49.54 -23.41 -3.33
C ILE B 193 -48.84 -24.60 -2.66
N VAL B 194 -49.53 -25.18 -1.69
CA VAL B 194 -49.13 -26.46 -1.15
C VAL B 194 -50.01 -27.54 -1.77
N SER B 195 -49.38 -28.61 -2.27
CA SER B 195 -50.12 -29.68 -2.94
C SER B 195 -49.88 -31.01 -2.26
N TYR B 196 -50.96 -31.75 -2.02
CA TYR B 196 -50.87 -33.09 -1.48
C TYR B 196 -51.17 -34.13 -2.56
N SER B 197 -50.30 -35.13 -2.63
CA SER B 197 -50.44 -36.24 -3.57
C SER B 197 -50.19 -37.56 -2.82
N GLY B 198 -51.03 -38.57 -3.03
CA GLY B 198 -50.84 -39.85 -2.37
C GLY B 198 -51.90 -40.92 -2.60
N SER B 199 -51.54 -41.95 -3.35
CA SER B 199 -52.43 -43.08 -3.63
C SER B 199 -53.81 -42.66 -4.15
N GLY B 200 -53.84 -41.76 -5.14
CA GLY B 200 -55.09 -41.27 -5.68
C GLY B 200 -55.68 -40.06 -4.96
N LEU B 201 -55.41 -39.97 -3.66
CA LEU B 201 -55.76 -38.79 -2.87
C LEU B 201 -55.06 -37.54 -3.39
N ASN B 202 -55.82 -36.48 -3.58
CA ASN B 202 -55.37 -35.35 -4.39
C ASN B 202 -55.89 -34.03 -3.84
N TRP B 203 -55.08 -32.97 -3.87
CA TRP B 203 -55.58 -31.63 -3.51
C TRP B 203 -54.52 -30.56 -3.28
N ARG B 204 -54.96 -29.30 -3.14
CA ARG B 204 -54.04 -28.20 -2.94
C ARG B 204 -54.65 -27.07 -2.11
N VAL B 205 -53.80 -26.34 -1.42
CA VAL B 205 -54.25 -25.19 -0.64
C VAL B 205 -53.25 -24.06 -0.78
N GLN B 206 -53.76 -22.85 -0.64
CA GLN B 206 -52.96 -21.65 -0.68
C GLN B 206 -52.58 -21.22 0.73
N VAL B 207 -51.30 -20.88 0.94
CA VAL B 207 -50.83 -20.38 2.24
C VAL B 207 -49.94 -19.12 2.13
N ASN B 208 -49.92 -18.31 3.18
CA ASN B 208 -48.94 -17.23 3.32
C ASN B 208 -47.91 -17.62 4.38
N SER B 209 -46.63 -17.67 4.03
CA SER B 209 -45.66 -18.10 5.01
C SER B 209 -44.45 -17.19 5.11
N ASP B 210 -44.00 -16.95 6.33
CA ASP B 210 -42.75 -16.28 6.53
C ASP B 210 -41.57 -17.17 6.14
N ILE B 211 -40.57 -16.55 5.54
CA ILE B 211 -39.34 -17.25 5.25
C ILE B 211 -38.20 -16.51 5.95
N PHE B 212 -37.41 -17.24 6.70
CA PHE B 212 -36.26 -16.65 7.37
C PHE B 212 -35.01 -17.38 6.91
N ILE B 213 -34.02 -16.63 6.47
CA ILE B 213 -32.74 -17.20 6.10
C ILE B 213 -31.70 -16.75 7.12
N VAL B 214 -31.13 -17.71 7.84
CA VAL B 214 -30.21 -17.42 8.93
C VAL B 214 -28.95 -18.24 8.74
N ASP B 215 -27.81 -17.56 8.61
CA ASP B 215 -26.55 -18.23 8.29
C ASP B 215 -26.77 -19.18 7.11
N ASP B 216 -26.31 -20.42 7.21
CA ASP B 216 -26.45 -21.31 6.07
C ASP B 216 -27.75 -22.13 6.05
N TYR B 217 -28.79 -21.62 6.72
CA TYR B 217 -30.08 -22.30 6.77
C TYR B 217 -31.24 -21.48 6.22
N ILE B 218 -32.28 -22.16 5.74
CA ILE B 218 -33.52 -21.49 5.41
C ILE B 218 -34.64 -22.13 6.22
N HIS B 219 -35.53 -21.29 6.75
CA HIS B 219 -36.67 -21.74 7.54
C HIS B 219 -37.95 -21.31 6.84
N ILE B 220 -38.80 -22.29 6.52
CA ILE B 220 -40.07 -22.01 5.89
C ILE B 220 -41.17 -22.19 6.94
N CYS B 221 -41.75 -21.09 7.39
CA CYS B 221 -42.72 -21.13 8.50
C CYS B 221 -44.15 -21.22 8.01
N LEU B 222 -44.60 -22.43 7.68
CA LEU B 222 -45.97 -22.63 7.22
C LEU B 222 -46.99 -22.32 8.32
N PRO B 223 -48.10 -21.66 7.96
CA PRO B 223 -49.19 -21.47 8.92
C PRO B 223 -50.05 -22.73 8.97
N ALA B 224 -50.90 -22.86 9.98
CA ALA B 224 -51.88 -23.93 10.02
C ALA B 224 -52.81 -23.80 8.78
N PHE B 225 -53.24 -24.94 8.23
CA PHE B 225 -54.16 -24.97 7.10
C PHE B 225 -55.07 -26.19 7.14
N ASP B 226 -56.15 -26.16 6.36
CA ASP B 226 -57.09 -27.28 6.24
C ASP B 226 -56.93 -27.96 4.89
N GLY B 227 -56.93 -29.30 4.88
CA GLY B 227 -56.76 -30.03 3.65
C GLY B 227 -57.83 -31.08 3.52
N PHE B 228 -57.62 -32.02 2.62
CA PHE B 228 -58.61 -33.07 2.45
C PHE B 228 -58.06 -34.45 2.83
N SER B 229 -58.59 -35.50 2.22
CA SER B 229 -58.17 -36.84 2.59
CA SER B 229 -58.18 -36.86 2.54
C SER B 229 -56.67 -37.02 2.36
N ILE B 230 -56.02 -37.64 3.33
CA ILE B 230 -54.62 -38.00 3.13
C ILE B 230 -54.51 -39.51 3.18
N ALA B 231 -53.44 -40.06 2.62
CA ALA B 231 -53.20 -41.49 2.66
C ALA B 231 -52.24 -41.83 3.82
N ASP B 232 -52.02 -43.13 4.06
CA ASP B 232 -51.03 -43.55 5.06
C ASP B 232 -49.69 -42.87 4.80
N GLY B 233 -49.22 -42.96 3.55
CA GLY B 233 -48.00 -42.28 3.14
C GLY B 233 -48.29 -41.41 1.93
N GLY B 234 -47.77 -40.18 1.94
CA GLY B 234 -47.94 -39.28 0.80
C GLY B 234 -46.97 -38.13 0.79
N ASP B 235 -47.16 -37.21 -0.16
CA ASP B 235 -46.25 -36.09 -0.37
C ASP B 235 -46.91 -34.72 -0.28
N LEU B 236 -46.28 -33.83 0.48
CA LEU B 236 -46.71 -32.45 0.53
C LEU B 236 -45.68 -31.66 -0.26
N SER B 237 -46.14 -30.96 -1.30
CA SER B 237 -45.22 -30.23 -2.18
C SER B 237 -45.41 -28.70 -2.10
N LEU B 238 -44.29 -27.99 -1.98
CA LEU B 238 -44.29 -26.54 -1.96
C LEU B 238 -43.72 -25.99 -3.27
N ASN B 239 -44.57 -25.32 -4.04
CA ASN B 239 -44.16 -24.77 -5.35
C ASN B 239 -43.53 -23.37 -5.23
N PHE B 240 -42.20 -23.31 -5.22
CA PHE B 240 -41.47 -22.06 -5.04
C PHE B 240 -41.14 -21.42 -6.40
N VAL B 241 -41.63 -22.03 -7.48
CA VAL B 241 -41.47 -21.43 -8.81
C VAL B 241 -42.20 -20.09 -8.89
N THR B 242 -43.31 -19.95 -8.18
CA THR B 242 -43.94 -18.64 -8.03
C THR B 242 -44.23 -18.37 -6.56
N GLY B 243 -44.48 -17.11 -6.24
CA GLY B 243 -44.91 -16.73 -4.91
C GLY B 243 -43.85 -16.21 -3.95
N LEU B 244 -42.58 -16.37 -4.27
CA LEU B 244 -41.54 -15.76 -3.44
C LEU B 244 -41.50 -14.24 -3.62
N LEU B 245 -41.50 -13.51 -2.51
CA LEU B 245 -41.39 -12.05 -2.57
C LEU B 245 -39.94 -11.62 -2.76
N PRO B 246 -39.70 -10.61 -3.60
CA PRO B 246 -38.34 -10.05 -3.68
C PRO B 246 -37.83 -9.75 -2.29
N PRO B 247 -36.51 -9.86 -2.08
CA PRO B 247 -35.51 -10.10 -3.11
C PRO B 247 -35.20 -11.59 -3.33
N LEU B 248 -35.98 -12.48 -2.73
CA LEU B 248 -35.76 -13.90 -2.88
C LEU B 248 -36.17 -14.39 -4.27
N LEU B 249 -35.44 -15.38 -4.77
CA LEU B 249 -35.79 -16.02 -6.04
C LEU B 249 -35.90 -17.54 -5.79
N THR B 250 -36.52 -18.25 -6.73
CA THR B 250 -36.73 -19.69 -6.56
C THR B 250 -35.45 -20.43 -6.17
N GLY B 251 -34.34 -20.06 -6.80
CA GLY B 251 -33.06 -20.71 -6.53
C GLY B 251 -32.58 -20.57 -5.10
N ASP B 252 -33.08 -19.57 -4.39
CA ASP B 252 -32.71 -19.37 -2.99
C ASP B 252 -33.32 -20.41 -2.05
N THR B 253 -34.23 -21.23 -2.57
CA THR B 253 -34.83 -22.29 -1.75
C THR B 253 -34.18 -23.66 -1.98
N GLU B 254 -33.19 -23.70 -2.87
CA GLU B 254 -32.47 -24.94 -3.13
C GLU B 254 -31.63 -25.37 -1.92
N PRO B 255 -31.71 -26.65 -1.54
CA PRO B 255 -30.93 -27.12 -0.39
C PRO B 255 -29.46 -27.22 -0.73
N ALA B 256 -28.61 -27.25 0.29
CA ALA B 256 -27.19 -27.46 0.06
C ALA B 256 -26.94 -28.88 -0.49
N PHE B 257 -27.85 -29.81 -0.19
CA PHE B 257 -27.77 -31.14 -0.80
C PHE B 257 -28.42 -31.19 -2.18
N HIS B 258 -28.80 -30.02 -2.70
CA HIS B 258 -29.34 -29.89 -4.05
C HIS B 258 -30.58 -30.75 -4.30
N ASN B 259 -30.52 -31.67 -5.25
CA ASN B 259 -31.70 -32.49 -5.53
C ASN B 259 -31.59 -33.95 -5.06
N ASP B 260 -30.73 -34.21 -4.08
CA ASP B 260 -30.64 -35.54 -3.50
C ASP B 260 -31.92 -35.89 -2.74
N VAL B 261 -32.23 -37.18 -2.67
CA VAL B 261 -33.32 -37.66 -1.83
C VAL B 261 -32.83 -37.92 -0.40
N VAL B 262 -33.44 -37.26 0.56
CA VAL B 262 -32.97 -37.31 1.95
C VAL B 262 -34.10 -37.57 2.94
N THR B 263 -33.74 -37.76 4.21
CA THR B 263 -34.71 -37.85 5.29
C THR B 263 -34.39 -36.76 6.31
N TYR B 264 -34.42 -35.50 5.87
CA TYR B 264 -33.89 -34.39 6.65
C TYR B 264 -34.91 -33.71 7.56
N GLY B 265 -34.51 -33.54 8.81
CA GLY B 265 -35.32 -32.78 9.76
C GLY B 265 -36.62 -33.51 10.10
N ALA B 266 -36.57 -34.84 10.05
CA ALA B 266 -37.72 -35.67 10.43
C ALA B 266 -38.27 -35.31 11.79
N GLN B 267 -39.59 -35.16 11.85
CA GLN B 267 -40.27 -34.74 13.05
C GLN B 267 -41.68 -35.35 13.08
N THR B 268 -42.35 -35.18 14.21
CA THR B 268 -43.68 -35.72 14.41
C THR B 268 -44.69 -34.57 14.37
N VAL B 269 -45.69 -34.67 13.48
CA VAL B 269 -46.76 -33.67 13.40
C VAL B 269 -48.13 -34.30 13.68
N ALA B 270 -48.98 -33.61 14.43
CA ALA B 270 -50.33 -34.10 14.71
C ALA B 270 -51.35 -33.43 13.79
N ILE B 271 -52.10 -34.27 13.06
CA ILE B 271 -53.07 -33.82 12.09
C ILE B 271 -54.47 -34.30 12.47
N GLY B 272 -55.45 -33.41 12.48
CA GLY B 272 -56.82 -33.81 12.82
C GLY B 272 -57.60 -34.32 11.62
N LEU B 273 -58.11 -35.54 11.74
CA LEU B 273 -58.87 -36.16 10.67
C LEU B 273 -60.31 -36.30 11.10
N SER B 274 -61.22 -36.07 10.16
CA SER B 274 -62.63 -36.15 10.45
C SER B 274 -63.44 -36.25 9.17
N SER B 275 -64.74 -36.49 9.35
CA SER B 275 -65.69 -36.38 8.27
C SER B 275 -66.83 -35.52 8.76
N GLY B 276 -66.52 -34.26 9.08
CA GLY B 276 -67.50 -33.32 9.56
C GLY B 276 -67.61 -33.27 11.08
N GLY B 277 -67.54 -34.44 11.72
CA GLY B 277 -67.65 -34.52 13.17
C GLY B 277 -66.36 -34.24 13.93
N THR B 278 -66.31 -34.67 15.18
CA THR B 278 -65.14 -34.50 16.04
C THR B 278 -63.90 -35.12 15.43
N PRO B 279 -62.85 -34.32 15.19
CA PRO B 279 -61.64 -34.84 14.56
C PRO B 279 -60.86 -35.78 15.47
N GLN B 280 -60.23 -36.78 14.87
CA GLN B 280 -59.29 -37.61 15.60
C GLN B 280 -57.88 -37.17 15.19
N TYR B 281 -57.04 -36.85 16.17
CA TYR B 281 -55.68 -36.37 15.90
C TYR B 281 -54.67 -37.51 15.69
N MET B 282 -54.16 -37.61 14.47
CA MET B 282 -53.21 -38.65 14.12
C MET B 282 -51.80 -38.08 14.21
N SER B 283 -50.91 -38.82 14.84
CA SER B 283 -49.51 -38.45 14.84
C SER B 283 -48.85 -38.97 13.57
N LYS B 284 -48.42 -38.04 12.70
CA LYS B 284 -47.71 -38.43 11.49
C LYS B 284 -46.23 -38.07 11.53
N ASN B 285 -45.47 -38.63 10.61
CA ASN B 285 -44.04 -38.42 10.57
C ASN B 285 -43.77 -37.61 9.34
N LEU B 286 -43.07 -36.49 9.49
CA LEU B 286 -42.83 -35.59 8.35
C LEU B 286 -41.35 -35.26 8.23
N TRP B 287 -40.86 -35.22 7.00
CA TRP B 287 -39.49 -34.81 6.75
C TRP B 287 -39.34 -34.16 5.38
N VAL B 288 -38.28 -33.37 5.24
CA VAL B 288 -37.88 -32.83 3.95
C VAL B 288 -37.25 -33.96 3.15
N GLU B 289 -37.81 -34.27 1.98
CA GLU B 289 -37.28 -35.40 1.18
C GLU B 289 -36.53 -35.02 -0.09
N GLN B 290 -37.06 -34.06 -0.86
CA GLN B 290 -36.38 -33.66 -2.11
C GLN B 290 -36.82 -32.31 -2.66
N TRP B 291 -35.86 -31.59 -3.23
CA TRP B 291 -36.18 -30.36 -3.94
C TRP B 291 -35.82 -30.62 -5.40
N GLN B 292 -36.75 -30.32 -6.29
CA GLN B 292 -36.52 -30.52 -7.70
C GLN B 292 -37.18 -29.37 -8.47
N ASP B 293 -36.38 -28.62 -9.23
CA ASP B 293 -36.89 -27.57 -10.12
C ASP B 293 -37.82 -26.56 -9.43
N GLY B 294 -37.45 -26.11 -8.24
CA GLY B 294 -38.22 -25.11 -7.52
C GLY B 294 -39.32 -25.65 -6.60
N VAL B 295 -39.55 -26.96 -6.65
CA VAL B 295 -40.60 -27.58 -5.85
C VAL B 295 -40.04 -28.40 -4.70
N LEU B 296 -40.30 -27.97 -3.48
CA LEU B 296 -39.82 -28.65 -2.28
C LEU B 296 -40.81 -29.74 -1.88
N ARG B 297 -40.34 -30.98 -1.87
CA ARG B 297 -41.22 -32.11 -1.58
C ARG B 297 -41.00 -32.67 -0.17
N LEU B 298 -42.06 -32.67 0.64
CA LEU B 298 -41.99 -33.17 2.01
C LEU B 298 -42.75 -34.49 2.13
N ARG B 299 -42.13 -35.49 2.76
CA ARG B 299 -42.83 -36.74 3.00
C ARG B 299 -43.70 -36.67 4.26
N VAL B 300 -44.89 -37.28 4.20
CA VAL B 300 -45.80 -37.32 5.33
C VAL B 300 -46.38 -38.73 5.43
N GLU B 301 -45.97 -39.47 6.46
CA GLU B 301 -46.37 -40.86 6.57
C GLU B 301 -46.34 -41.38 8.00
N GLY B 302 -46.88 -42.59 8.19
CA GLY B 302 -46.81 -43.26 9.46
C GLY B 302 -47.96 -42.86 10.35
N GLY B 303 -47.91 -43.34 11.59
CA GLY B 303 -49.02 -43.18 12.50
C GLY B 303 -50.18 -44.05 12.04
N GLY B 304 -51.33 -43.89 12.67
CA GLY B 304 -52.46 -44.73 12.33
C GLY B 304 -53.10 -44.29 11.02
N SER B 305 -54.24 -44.91 10.71
CA SER B 305 -55.04 -44.49 9.59
C SER B 305 -56.49 -44.55 10.02
N ILE B 306 -57.33 -43.72 9.42
CA ILE B 306 -58.77 -43.85 9.53
C ILE B 306 -59.43 -43.34 8.25
N THR B 307 -60.69 -43.71 8.06
CA THR B 307 -61.47 -43.19 6.96
C THR B 307 -61.91 -41.77 7.33
N HIS B 308 -61.75 -40.83 6.40
CA HIS B 308 -61.97 -39.42 6.71
C HIS B 308 -62.02 -38.65 5.41
N SER B 309 -62.56 -37.44 5.48
CA SER B 309 -62.69 -36.62 4.28
C SER B 309 -61.94 -35.30 4.46
N ASN B 310 -61.58 -35.01 5.70
CA ASN B 310 -60.99 -33.71 6.00
C ASN B 310 -59.75 -33.82 6.86
N SER B 311 -58.80 -32.93 6.59
CA SER B 311 -57.59 -32.89 7.40
C SER B 311 -57.37 -31.49 7.99
N LYS B 312 -57.19 -31.43 9.30
CA LYS B 312 -56.86 -30.19 9.98
C LYS B 312 -55.36 -30.16 10.33
N TRP B 313 -54.57 -29.41 9.56
CA TRP B 313 -53.12 -29.40 9.71
C TRP B 313 -52.68 -28.31 10.66
N PRO B 314 -51.63 -28.57 11.45
CA PRO B 314 -51.10 -27.59 12.40
C PRO B 314 -50.12 -26.67 11.69
N ALA B 315 -49.72 -25.58 12.31
CA ALA B 315 -48.58 -24.82 11.81
C ALA B 315 -47.30 -25.67 11.92
N MET B 316 -46.48 -25.61 10.86
CA MET B 316 -45.28 -26.42 10.71
C MET B 316 -44.12 -25.60 10.15
N THR B 317 -43.03 -25.51 10.89
CA THR B 317 -41.83 -24.89 10.36
C THR B 317 -40.97 -25.99 9.75
N VAL B 318 -40.46 -25.72 8.56
CA VAL B 318 -39.62 -26.69 7.86
C VAL B 318 -38.29 -26.02 7.56
N SER B 319 -37.20 -26.65 7.99
CA SER B 319 -35.86 -26.09 7.90
C SER B 319 -34.89 -26.98 7.16
N TYR B 320 -33.93 -26.39 6.47
CA TYR B 320 -32.87 -27.19 5.88
C TYR B 320 -31.65 -26.31 5.48
N PRO B 321 -30.47 -26.94 5.37
CA PRO B 321 -29.28 -26.21 4.90
C PRO B 321 -29.46 -25.75 3.45
N ARG B 322 -29.03 -24.52 3.19
CA ARG B 322 -29.34 -23.84 1.95
C ARG B 322 -28.15 -23.79 0.98
N SER B 323 -28.41 -23.97 -0.30
CA SER B 323 -27.35 -23.95 -1.31
C SER B 323 -26.60 -22.61 -1.30
N PHE B 324 -25.30 -22.65 -1.58
CA PHE B 324 -24.51 -21.41 -1.75
C PHE B 324 -23.57 -21.48 -2.96
N THR B 325 -22.90 -20.37 -3.23
CA THR B 325 -21.96 -20.32 -4.34
C THR B 325 -20.59 -19.79 -3.91
N PRO C 34 95.68 74.30 -50.82
CA PRO C 34 94.70 74.05 -51.89
C PRO C 34 93.33 74.60 -51.50
N VAL C 35 92.32 74.33 -52.31
CA VAL C 35 90.94 74.61 -51.91
C VAL C 35 90.47 73.51 -50.98
N LEU C 36 90.16 73.86 -49.74
CA LEU C 36 89.77 72.84 -48.76
C LEU C 36 88.26 72.75 -48.50
N ASN C 37 87.77 71.53 -48.32
CA ASN C 37 86.35 71.27 -48.13
C ASN C 37 85.81 71.75 -46.78
N GLN C 38 86.53 71.44 -45.70
CA GLN C 38 86.23 72.02 -44.37
C GLN C 38 85.13 71.29 -43.59
N GLY C 39 84.02 70.99 -44.27
CA GLY C 39 83.00 70.10 -43.72
C GLY C 39 82.12 70.62 -42.61
N VAL C 40 81.64 69.69 -41.78
CA VAL C 40 80.63 69.99 -40.78
C VAL C 40 81.13 70.97 -39.72
N THR C 41 80.30 71.97 -39.41
CA THR C 41 80.62 72.95 -38.37
C THR C 41 79.48 73.19 -37.40
N SER C 42 78.34 72.53 -37.61
CA SER C 42 77.26 72.58 -36.62
C SER C 42 76.43 71.30 -36.66
N ALA C 43 75.60 71.11 -35.64
CA ALA C 43 74.81 69.91 -35.56
C ALA C 43 73.54 70.14 -34.75
N GLY C 44 72.50 69.39 -35.06
CA GLY C 44 71.27 69.46 -34.29
C GLY C 44 71.14 68.27 -33.35
N ALA C 45 70.59 68.53 -32.17
CA ALA C 45 70.25 67.47 -31.24
C ALA C 45 69.67 66.28 -32.00
N PRO C 46 70.00 65.07 -31.56
CA PRO C 46 70.74 64.78 -30.32
C PRO C 46 72.25 64.92 -30.47
N LEU C 47 72.71 65.38 -31.63
CA LEU C 47 74.14 65.61 -31.84
C LEU C 47 74.51 66.99 -31.33
N SER C 48 75.72 67.13 -30.79
CA SER C 48 76.23 68.45 -30.46
C SER C 48 77.75 68.51 -30.61
N ILE C 49 78.25 69.70 -30.91
CA ILE C 49 79.67 69.92 -31.18
C ILE C 49 80.23 70.93 -30.21
N ARG C 50 81.40 70.60 -29.66
CA ARG C 50 82.15 71.49 -28.78
C ARG C 50 83.64 71.27 -28.99
N ASN C 51 84.39 72.35 -29.23
CA ASN C 51 85.84 72.25 -29.43
C ASN C 51 86.22 71.11 -30.37
N ASN C 52 85.59 71.06 -31.55
CA ASN C 52 85.93 70.10 -32.59
C ASN C 52 85.54 68.64 -32.33
N ARG C 53 84.85 68.38 -31.21
CA ARG C 53 84.38 67.03 -30.92
C ARG C 53 82.85 66.92 -31.00
N MET C 54 82.34 65.86 -31.64
CA MET C 54 80.89 65.64 -31.66
C MET C 54 80.45 64.55 -30.70
N THR C 55 79.39 64.83 -29.96
CA THR C 55 78.81 63.84 -29.07
C THR C 55 77.31 63.76 -29.29
N MET C 56 76.72 62.68 -28.78
CA MET C 56 75.28 62.46 -28.89
C MET C 56 74.72 62.29 -27.49
N GLY C 57 73.70 63.08 -27.15
CA GLY C 57 73.03 62.94 -25.87
C GLY C 57 71.98 61.84 -25.86
N LEU C 58 72.03 60.97 -24.84
CA LEU C 58 71.07 59.85 -24.70
C LEU C 58 70.25 59.92 -23.42
N ASN C 59 68.95 59.70 -23.54
CA ASN C 59 68.03 59.60 -22.41
C ASN C 59 67.90 58.16 -21.95
N ASP C 60 67.31 57.94 -20.77
CA ASP C 60 67.06 56.58 -20.26
C ASP C 60 66.31 55.76 -21.29
N GLY C 61 66.71 54.50 -21.46
CA GLY C 61 66.14 53.66 -22.51
C GLY C 61 67.12 53.51 -23.67
N LEU C 62 67.97 54.53 -23.85
CA LEU C 62 69.07 54.42 -24.78
C LEU C 62 70.41 54.47 -24.05
N THR C 63 71.30 53.57 -24.42
CA THR C 63 72.57 53.46 -23.72
C THR C 63 73.68 52.96 -24.63
N LEU C 64 74.92 53.09 -24.17
CA LEU C 64 76.05 52.59 -24.93
C LEU C 64 76.28 51.12 -24.63
N SER C 65 76.44 50.33 -25.69
CA SER C 65 76.88 48.95 -25.54
C SER C 65 78.15 48.83 -26.35
N GLY C 66 79.29 48.82 -25.67
CA GLY C 66 80.56 48.96 -26.33
C GLY C 66 80.55 50.26 -27.11
N ASN C 67 80.82 50.18 -28.41
CA ASN C 67 80.80 51.36 -29.24
C ASN C 67 79.48 51.58 -30.01
N ASN C 68 78.48 50.74 -29.73
CA ASN C 68 77.17 50.87 -30.40
C ASN C 68 76.09 51.51 -29.54
N LEU C 69 75.08 52.05 -30.22
CA LEU C 69 73.89 52.55 -29.57
C LEU C 69 72.97 51.36 -29.30
N ALA C 70 72.36 51.32 -28.11
CA ALA C 70 71.52 50.18 -27.76
C ALA C 70 70.28 50.57 -26.98
N ILE C 71 69.24 49.74 -27.11
CA ILE C 71 68.06 49.88 -26.28
C ILE C 71 68.36 49.25 -24.93
N ARG C 72 68.13 50.02 -23.86
CA ARG C 72 68.36 49.51 -22.51
C ARG C 72 67.09 48.87 -21.96
N LEU C 73 67.24 47.65 -21.44
CA LEU C 73 66.12 46.89 -20.88
C LEU C 73 66.47 46.35 -19.50
N PRO C 74 66.33 47.19 -18.46
CA PRO C 74 66.70 46.78 -17.10
C PRO C 74 65.86 45.60 -16.64
N GLY C 75 66.47 44.65 -15.93
CA GLY C 75 65.77 43.54 -15.33
C GLY C 75 65.11 42.62 -16.34
N ASN C 76 64.01 41.99 -15.92
CA ASN C 76 63.22 41.12 -16.78
C ASN C 76 61.75 41.43 -16.64
N THR C 77 61.18 42.01 -17.69
CA THR C 77 59.78 42.41 -17.66
C THR C 77 59.05 41.90 -18.90
N GLY C 78 59.68 40.95 -19.60
CA GLY C 78 59.11 40.35 -20.78
C GLY C 78 59.72 40.85 -22.06
N LEU C 79 60.59 41.85 -21.95
CA LEU C 79 61.23 42.44 -23.11
C LEU C 79 62.65 41.91 -23.28
N ASN C 80 63.05 41.69 -24.53
CA ASN C 80 64.39 41.20 -24.82
C ASN C 80 64.87 41.57 -26.22
N ILE C 81 66.19 41.66 -26.38
CA ILE C 81 66.78 41.78 -27.71
C ILE C 81 67.09 40.38 -28.20
N GLN C 82 66.42 39.96 -29.26
CA GLN C 82 66.55 38.60 -29.76
C GLN C 82 65.98 38.53 -31.17
N ASN C 83 66.44 37.57 -31.96
CA ASN C 83 65.95 37.40 -33.33
C ASN C 83 66.15 38.64 -34.20
N GLY C 84 67.09 39.49 -33.82
CA GLY C 84 67.45 40.65 -34.64
C GLY C 84 66.94 41.98 -34.15
N GLY C 85 66.16 42.00 -33.08
CA GLY C 85 65.59 43.24 -32.59
C GLY C 85 64.79 43.13 -31.31
N LEU C 86 63.93 44.11 -31.05
CA LEU C 86 63.14 44.16 -29.83
C LEU C 86 61.91 43.25 -29.91
N GLN C 87 61.84 42.27 -29.01
CA GLN C 87 60.66 41.40 -28.94
C GLN C 87 60.07 41.30 -27.54
N PHE C 88 58.78 40.99 -27.48
CA PHE C 88 58.11 40.70 -26.22
C PHE C 88 58.01 39.18 -26.07
N ARG C 89 58.18 38.69 -24.84
CA ARG C 89 58.21 37.25 -24.60
C ARG C 89 57.11 36.80 -23.64
N PHE C 90 56.45 35.71 -23.99
CA PHE C 90 55.30 35.24 -23.24
C PHE C 90 55.27 33.73 -23.13
N ASN C 91 54.68 33.23 -22.05
CA ASN C 91 54.47 31.79 -21.93
C ASN C 91 53.63 31.30 -23.09
N THR C 92 54.15 30.32 -23.85
CA THR C 92 53.48 29.84 -25.05
C THR C 92 52.36 28.82 -24.77
N ASP C 93 52.12 28.52 -23.51
CA ASP C 93 51.00 27.66 -23.15
C ASP C 93 49.80 28.53 -22.79
N GLN C 94 50.06 29.78 -22.45
CA GLN C 94 49.01 30.64 -21.93
C GLN C 94 48.62 31.72 -22.92
N PHE C 95 49.61 32.24 -23.64
CA PHE C 95 49.38 33.34 -24.56
C PHE C 95 49.75 32.97 -26.00
N GLN C 96 49.15 33.69 -26.95
CA GLN C 96 49.52 33.59 -28.35
C GLN C 96 49.38 34.97 -29.00
N ILE C 97 49.89 35.10 -30.22
CA ILE C 97 49.81 36.35 -30.96
C ILE C 97 48.84 36.21 -32.12
N VAL C 98 47.73 36.95 -32.05
CA VAL C 98 46.75 36.98 -33.11
C VAL C 98 46.63 38.41 -33.61
N ASN C 99 46.85 38.61 -34.91
CA ASN C 99 46.86 39.95 -35.47
C ASN C 99 47.80 40.87 -34.72
N ASN C 100 48.96 40.33 -34.34
CA ASN C 100 49.96 41.08 -33.58
C ASN C 100 49.37 41.69 -32.32
N ASN C 101 48.42 40.97 -31.73
CA ASN C 101 47.83 41.34 -30.44
C ASN C 101 48.05 40.24 -29.40
N LEU C 102 48.49 40.62 -28.20
CA LEU C 102 48.65 39.65 -27.11
C LEU C 102 47.29 39.07 -26.75
N THR C 103 47.21 37.75 -26.71
CA THR C 103 45.94 37.07 -26.58
C THR C 103 46.02 35.79 -25.72
N LEU C 104 44.90 35.40 -25.14
CA LEU C 104 44.86 34.20 -24.31
C LEU C 104 44.68 32.96 -25.15
N LYS C 105 45.58 31.99 -24.99
CA LYS C 105 45.39 30.67 -25.55
C LYS C 105 44.07 30.15 -25.03
N THR C 106 43.27 29.53 -25.88
CA THR C 106 41.99 28.98 -25.42
C THR C 106 42.22 27.72 -24.59
N THR C 107 43.41 27.14 -24.69
CA THR C 107 43.72 25.92 -23.96
C THR C 107 44.02 26.21 -22.49
N VAL C 108 44.11 27.49 -22.15
CA VAL C 108 44.30 27.90 -20.76
C VAL C 108 43.08 27.54 -19.94
N PHE C 109 41.93 27.49 -20.60
CA PHE C 109 40.64 27.29 -19.93
C PHE C 109 40.05 25.92 -20.23
N ASP C 110 40.88 24.99 -20.69
CA ASP C 110 40.39 23.68 -21.10
C ASP C 110 40.16 22.75 -19.91
N SER C 111 41.05 22.80 -18.92
CA SER C 111 40.90 22.02 -17.71
C SER C 111 39.64 22.43 -16.95
N ILE C 112 39.28 23.70 -17.05
CA ILE C 112 38.14 24.25 -16.34
C ILE C 112 36.83 24.02 -17.11
N ASN C 113 36.87 24.22 -18.42
CA ASN C 113 35.67 24.01 -19.24
C ASN C 113 35.22 22.55 -19.26
N SER C 114 36.17 21.65 -19.05
CA SER C 114 35.88 20.22 -19.04
C SER C 114 35.17 19.82 -17.75
N ARG C 115 35.76 20.19 -16.61
CA ARG C 115 35.20 19.84 -15.32
C ARG C 115 33.80 20.41 -15.13
N ILE C 116 33.61 21.68 -15.49
CA ILE C 116 32.31 22.31 -15.37
C ILE C 116 31.29 21.61 -16.26
N GLY C 117 31.64 21.38 -17.52
CA GLY C 117 30.76 20.69 -18.44
C GLY C 117 30.41 19.29 -17.94
N ALA C 118 31.40 18.62 -17.37
CA ALA C 118 31.21 17.27 -16.84
C ALA C 118 30.10 17.22 -15.79
N ILE C 119 30.07 18.23 -14.92
CA ILE C 119 29.04 18.35 -13.90
C ILE C 119 27.70 18.73 -14.53
N GLU C 120 27.76 19.59 -15.54
CA GLU C 120 26.56 20.14 -16.16
C GLU C 120 25.70 19.09 -16.86
N GLN C 121 26.34 18.14 -17.52
CA GLN C 121 25.61 17.14 -18.30
C GLN C 121 24.75 16.20 -17.46
N SER C 122 25.05 16.10 -16.17
CA SER C 122 24.26 15.26 -15.26
C SER C 122 24.46 15.60 -13.79
N TYR C 123 23.52 16.36 -13.23
CA TYR C 123 23.49 16.62 -11.79
C TYR C 123 22.07 16.97 -11.35
N VAL C 124 21.82 16.96 -10.05
CA VAL C 124 20.48 17.24 -9.54
C VAL C 124 20.34 18.71 -9.13
N ALA C 125 19.42 19.41 -9.78
CA ALA C 125 19.17 20.81 -9.50
C ALA C 125 17.90 21.01 -8.67
N SER C 126 16.94 20.10 -8.85
CA SER C 126 15.66 20.20 -8.15
C SER C 126 15.06 18.83 -7.86
N ALA C 127 14.36 18.72 -6.74
CA ALA C 127 13.72 17.47 -6.35
C ALA C 127 12.20 17.62 -6.29
N VAL C 128 11.48 16.56 -6.63
CA VAL C 128 10.03 16.55 -6.61
C VAL C 128 9.50 15.65 -5.50
N THR C 129 8.47 16.10 -4.80
CA THR C 129 7.83 15.30 -3.76
C THR C 129 7.63 13.87 -4.26
N PRO C 130 7.82 12.89 -3.37
CA PRO C 130 8.12 13.09 -1.94
C PRO C 130 9.58 13.48 -1.65
N LEU C 131 10.36 13.77 -2.68
CA LEU C 131 11.77 14.16 -2.49
C LEU C 131 11.90 15.67 -2.29
N ARG C 132 12.75 16.07 -1.35
CA ARG C 132 12.87 17.49 -1.01
C ARG C 132 14.33 17.96 -0.93
N LEU C 133 14.73 18.78 -1.89
CA LEU C 133 16.08 19.36 -1.88
C LEU C 133 16.09 20.76 -1.31
N ASN C 134 16.85 20.96 -0.24
CA ASN C 134 17.06 22.29 0.32
C ASN C 134 18.18 23.01 -0.44
N SER C 135 17.80 24.03 -1.21
CA SER C 135 18.75 24.71 -2.10
C SER C 135 19.91 25.41 -1.40
N SER C 136 19.76 25.65 -0.10
CA SER C 136 20.80 26.36 0.66
C SER C 136 21.81 25.41 1.29
N THR C 137 21.32 24.42 2.02
CA THR C 137 22.19 23.46 2.70
C THR C 137 22.66 22.36 1.75
N LYS C 138 22.15 22.40 0.53
CA LYS C 138 22.44 21.35 -0.46
C LYS C 138 22.16 19.95 0.11
N VAL C 139 21.10 19.85 0.89
CA VAL C 139 20.75 18.58 1.53
C VAL C 139 19.45 18.01 0.96
N LEU C 140 19.51 16.76 0.52
CA LEU C 140 18.34 16.08 -0.04
C LEU C 140 17.76 15.06 0.94
N ASP C 141 16.47 15.18 1.19
CA ASP C 141 15.76 14.19 2.02
C ASP C 141 14.44 13.84 1.34
N MET C 142 13.65 12.98 2.00
CA MET C 142 12.34 12.62 1.47
C MET C 142 11.26 12.67 2.55
N LEU C 143 10.08 13.14 2.16
CA LEU C 143 8.94 13.25 3.06
C LEU C 143 8.12 11.97 3.06
N ILE C 144 7.98 11.35 4.23
CA ILE C 144 7.14 10.16 4.37
C ILE C 144 6.07 10.36 5.43
N ASP C 145 4.98 9.61 5.30
CA ASP C 145 3.93 9.59 6.30
C ASP C 145 4.29 8.56 7.37
N SER C 146 4.44 9.02 8.61
CA SER C 146 4.92 8.17 9.69
C SER C 146 3.90 7.18 10.23
N SER C 147 2.65 7.29 9.78
CA SER C 147 1.60 6.39 10.25
C SER C 147 1.63 5.08 9.48
N THR C 148 2.03 5.13 8.22
CA THR C 148 2.07 3.94 7.38
C THR C 148 3.51 3.53 7.02
N LEU C 149 4.46 4.42 7.29
CA LEU C 149 5.85 4.20 6.92
C LEU C 149 6.84 4.68 7.98
N GLU C 150 7.98 4.01 8.07
CA GLU C 150 9.05 4.44 8.98
C GLU C 150 10.44 4.03 8.50
N ILE C 151 11.48 4.61 9.12
CA ILE C 151 12.85 4.19 8.88
C ILE C 151 13.31 3.28 10.01
N ASN C 152 13.72 2.05 9.66
CA ASN C 152 14.10 1.07 10.67
C ASN C 152 15.50 1.27 11.25
N SER C 153 15.99 0.25 11.95
CA SER C 153 17.32 0.29 12.55
C SER C 153 18.39 0.27 11.48
N SER C 154 18.16 -0.54 10.44
CA SER C 154 19.14 -0.72 9.37
C SER C 154 19.20 0.47 8.41
N GLY C 155 18.46 1.54 8.73
CA GLY C 155 18.42 2.72 7.90
C GLY C 155 17.52 2.54 6.69
N GLN C 156 16.84 1.40 6.62
CA GLN C 156 15.97 1.07 5.49
C GLN C 156 14.59 1.71 5.65
N LEU C 157 13.91 1.91 4.52
CA LEU C 157 12.54 2.38 4.51
C LEU C 157 11.61 1.18 4.59
N THR C 158 10.58 1.28 5.42
CA THR C 158 9.69 0.13 5.64
C THR C 158 8.27 0.55 6.02
N VAL C 159 7.30 -0.27 5.61
CA VAL C 159 5.90 -0.07 6.02
C VAL C 159 5.74 -0.58 7.45
N ARG C 160 5.07 0.21 8.29
CA ARG C 160 4.82 -0.21 9.66
C ARG C 160 3.85 -1.39 9.66
N SER C 161 4.19 -2.43 10.42
CA SER C 161 3.29 -3.58 10.54
C SER C 161 2.00 -3.15 11.23
N THR C 162 0.87 -3.53 10.64
CA THR C 162 -0.43 -3.12 11.17
C THR C 162 -1.43 -4.27 11.23
N SER C 163 -2.23 -4.29 12.28
CA SER C 163 -3.28 -5.28 12.42
C SER C 163 -4.43 -4.94 11.49
N PRO C 164 -4.95 -5.94 10.76
CA PRO C 164 -6.11 -5.70 9.90
C PRO C 164 -7.28 -5.23 10.75
N ASN C 165 -8.17 -4.43 10.17
CA ASN C 165 -9.34 -3.94 10.88
C ASN C 165 -10.47 -4.99 10.86
N LEU C 166 -10.84 -5.51 12.02
CA LEU C 166 -11.82 -6.61 12.09
C LEU C 166 -13.11 -6.26 12.84
N ARG C 167 -14.22 -6.84 12.40
CA ARG C 167 -15.52 -6.60 13.04
C ARG C 167 -16.13 -7.91 13.52
N TYR C 168 -16.42 -7.98 14.82
CA TYR C 168 -17.10 -9.13 15.41
C TYR C 168 -18.27 -9.53 14.52
N PRO C 169 -18.45 -10.84 14.29
CA PRO C 169 -17.76 -11.99 14.89
C PRO C 169 -16.44 -12.36 14.23
N ILE C 170 -15.98 -11.57 13.27
CA ILE C 170 -14.65 -11.79 12.75
C ILE C 170 -13.68 -11.24 13.79
N ALA C 171 -12.65 -12.02 14.13
CA ALA C 171 -11.73 -11.58 15.17
C ALA C 171 -10.34 -12.18 15.07
N ASP C 172 -9.40 -11.58 15.80
CA ASP C 172 -8.06 -12.13 15.96
C ASP C 172 -8.16 -13.43 16.74
N VAL C 173 -7.85 -14.53 16.06
CA VAL C 173 -7.84 -15.83 16.71
C VAL C 173 -6.42 -16.38 16.68
N SER C 174 -5.78 -16.39 17.84
CA SER C 174 -4.41 -16.85 17.99
C SER C 174 -3.49 -16.46 16.81
N GLY C 175 -3.43 -15.17 16.51
CA GLY C 175 -2.50 -14.68 15.52
C GLY C 175 -3.07 -14.36 14.14
N GLY C 176 -4.22 -14.91 13.82
CA GLY C 176 -4.78 -14.74 12.50
C GLY C 176 -6.20 -14.20 12.45
N ILE C 177 -6.72 -14.03 11.24
CA ILE C 177 -8.08 -13.59 11.04
C ILE C 177 -8.99 -14.80 11.05
N GLY C 178 -9.80 -14.92 12.10
CA GLY C 178 -10.71 -16.04 12.21
C GLY C 178 -12.12 -15.70 12.66
N MET C 179 -12.81 -16.72 13.15
CA MET C 179 -14.16 -16.54 13.64
C MET C 179 -14.12 -16.62 15.16
N SER C 180 -14.60 -15.57 15.82
CA SER C 180 -14.57 -15.47 17.27
C SER C 180 -15.26 -16.67 17.91
N PRO C 181 -14.57 -17.34 18.84
CA PRO C 181 -15.13 -18.51 19.53
C PRO C 181 -16.41 -18.17 20.28
N ASN C 182 -16.52 -16.95 20.79
CA ASN C 182 -17.70 -16.54 21.54
CA ASN C 182 -17.70 -16.54 21.54
C ASN C 182 -18.95 -16.58 20.67
N TYR C 183 -18.79 -16.33 19.38
CA TYR C 183 -19.90 -16.34 18.43
C TYR C 183 -20.29 -17.77 18.08
N ARG C 184 -19.31 -18.68 18.12
CA ARG C 184 -19.53 -20.06 17.73
C ARG C 184 -20.23 -20.87 18.85
N PHE C 185 -20.00 -20.49 20.09
CA PHE C 185 -20.65 -21.18 21.21
C PHE C 185 -20.52 -20.40 22.50
N ARG C 186 -21.66 -20.11 23.10
CA ARG C 186 -21.70 -19.48 24.41
C ARG C 186 -22.75 -20.19 25.24
N GLN C 187 -22.47 -20.41 26.51
CA GLN C 187 -23.43 -21.09 27.36
C GLN C 187 -23.80 -20.23 28.55
N SER C 188 -25.08 -20.22 28.90
CA SER C 188 -25.53 -19.48 30.06
C SER C 188 -26.77 -20.15 30.65
N MET C 189 -27.50 -19.41 31.47
CA MET C 189 -28.58 -20.00 32.23
C MET C 189 -29.67 -18.97 32.51
N TRP C 190 -30.92 -19.41 32.55
CA TRP C 190 -32.01 -18.58 33.02
C TRP C 190 -32.71 -19.25 34.20
N ILE C 191 -32.85 -18.52 35.30
CA ILE C 191 -33.63 -19.01 36.43
C ILE C 191 -34.81 -18.07 36.65
N GLY C 192 -35.99 -18.48 36.18
CA GLY C 192 -37.15 -17.61 36.28
C GLY C 192 -38.52 -18.25 36.16
N ILE C 193 -39.49 -17.43 35.80
CA ILE C 193 -40.88 -17.82 35.81
C ILE C 193 -41.42 -17.99 34.39
N VAL C 194 -42.01 -19.15 34.12
CA VAL C 194 -42.85 -19.30 32.94
C VAL C 194 -44.27 -19.07 33.39
N SER C 195 -45.02 -18.27 32.62
CA SER C 195 -46.41 -17.97 32.95
C SER C 195 -47.34 -18.44 31.83
N TYR C 196 -48.41 -19.12 32.20
CA TYR C 196 -49.45 -19.49 31.25
C TYR C 196 -50.64 -18.54 31.35
N SER C 197 -51.23 -18.22 30.20
CA SER C 197 -52.42 -17.37 30.15
C SER C 197 -53.38 -17.81 29.05
N GLY C 198 -54.64 -18.05 29.41
CA GLY C 198 -55.62 -18.50 28.45
C GLY C 198 -57.04 -18.46 28.98
N SER C 199 -57.93 -17.77 28.28
CA SER C 199 -59.35 -17.77 28.62
C SER C 199 -59.62 -17.63 30.11
N GLY C 200 -59.01 -16.62 30.73
CA GLY C 200 -59.17 -16.38 32.15
C GLY C 200 -58.31 -17.28 33.03
N LEU C 201 -57.55 -18.17 32.41
CA LEU C 201 -56.66 -19.05 33.15
C LEU C 201 -55.29 -18.41 33.28
N ASN C 202 -54.83 -18.25 34.52
CA ASN C 202 -53.51 -17.67 34.79
C ASN C 202 -52.80 -18.40 35.91
N TRP C 203 -51.58 -18.82 35.64
CA TRP C 203 -50.76 -19.46 36.65
C TRP C 203 -49.31 -19.36 36.23
N ARG C 204 -48.41 -19.65 37.16
CA ARG C 204 -46.99 -19.56 36.85
C ARG C 204 -46.16 -20.62 37.57
N VAL C 205 -44.96 -20.84 37.06
CA VAL C 205 -44.10 -21.93 37.52
C VAL C 205 -42.62 -21.52 37.43
N GLN C 206 -41.90 -21.71 38.52
N GLN C 206 -41.91 -21.70 38.54
CA GLN C 206 -40.47 -21.43 38.56
CA GLN C 206 -40.47 -21.47 38.59
C GLN C 206 -39.65 -22.56 37.93
C GLN C 206 -39.71 -22.58 37.86
N VAL C 207 -38.80 -22.21 36.97
CA VAL C 207 -37.95 -23.19 36.30
C VAL C 207 -36.52 -22.70 36.11
N ASN C 208 -35.63 -23.61 35.74
CA ASN C 208 -34.29 -23.25 35.29
C ASN C 208 -34.04 -23.87 33.93
N SER C 209 -33.26 -23.19 33.09
CA SER C 209 -32.96 -23.72 31.77
C SER C 209 -31.59 -23.26 31.30
N ASP C 210 -30.87 -24.17 30.66
CA ASP C 210 -29.65 -23.83 29.97
C ASP C 210 -30.01 -22.95 28.78
N ILE C 211 -29.10 -22.04 28.45
CA ILE C 211 -29.25 -21.26 27.26
C ILE C 211 -28.00 -21.45 26.41
N PHE C 212 -28.18 -21.76 25.15
CA PHE C 212 -27.05 -21.90 24.26
C PHE C 212 -27.21 -20.91 23.14
N ILE C 213 -26.16 -20.13 22.91
CA ILE C 213 -26.13 -19.21 21.78
C ILE C 213 -25.07 -19.71 20.84
N VAL C 214 -25.50 -20.07 19.63
CA VAL C 214 -24.61 -20.68 18.64
C VAL C 214 -24.78 -20.04 17.28
N ASP C 215 -23.72 -19.45 16.76
CA ASP C 215 -23.82 -18.65 15.55
C ASP C 215 -24.96 -17.66 15.78
N ASP C 216 -25.83 -17.48 14.80
CA ASP C 216 -26.88 -16.47 14.97
C ASP C 216 -28.20 -16.95 15.57
N TYR C 217 -28.17 -18.07 16.29
CA TYR C 217 -29.36 -18.61 16.98
C TYR C 217 -29.21 -18.60 18.49
N ILE C 218 -30.33 -18.54 19.19
CA ILE C 218 -30.35 -18.78 20.63
C ILE C 218 -31.28 -19.94 20.91
N HIS C 219 -30.94 -20.76 21.91
CA HIS C 219 -31.75 -21.90 22.28
C HIS C 219 -32.06 -21.84 23.76
N ILE C 220 -33.33 -21.95 24.11
CA ILE C 220 -33.72 -21.99 25.51
C ILE C 220 -34.28 -23.36 25.82
N CYS C 221 -33.60 -24.08 26.71
CA CYS C 221 -33.92 -25.48 26.96
C CYS C 221 -34.74 -25.67 28.23
N LEU C 222 -36.05 -25.49 28.12
CA LEU C 222 -36.94 -25.68 29.25
C LEU C 222 -37.01 -27.16 29.62
N PRO C 223 -37.14 -27.44 30.92
CA PRO C 223 -37.37 -28.77 31.48
C PRO C 223 -38.86 -29.09 31.50
N ALA C 224 -39.21 -30.37 31.65
CA ALA C 224 -40.58 -30.78 31.91
C ALA C 224 -41.03 -30.15 33.22
N PHE C 225 -42.33 -29.89 33.34
CA PHE C 225 -42.88 -29.30 34.55
C PHE C 225 -44.39 -29.52 34.60
N ASP C 226 -44.92 -29.43 35.81
CA ASP C 226 -46.36 -29.51 36.04
C ASP C 226 -46.96 -28.12 36.15
N GLY C 227 -48.08 -27.92 35.47
CA GLY C 227 -48.81 -26.68 35.54
C GLY C 227 -50.23 -26.96 35.95
N PHE C 228 -51.16 -26.04 35.65
CA PHE C 228 -52.56 -26.19 35.99
C PHE C 228 -53.48 -26.20 34.76
N SER C 229 -54.73 -25.77 34.89
CA SER C 229 -55.65 -25.88 33.75
C SER C 229 -55.16 -25.07 32.55
N ILE C 230 -55.32 -25.63 31.36
CA ILE C 230 -55.09 -24.90 30.11
C ILE C 230 -56.33 -24.85 29.23
N ALA C 231 -56.39 -23.84 28.37
CA ALA C 231 -57.49 -23.71 27.42
C ALA C 231 -57.06 -24.30 26.08
N ASP C 232 -57.97 -24.37 25.12
CA ASP C 232 -57.65 -24.90 23.79
C ASP C 232 -56.44 -24.21 23.19
N GLY C 233 -56.42 -22.88 23.30
CA GLY C 233 -55.28 -22.08 22.89
C GLY C 233 -54.95 -21.11 23.99
N GLY C 234 -53.67 -20.75 24.07
CA GLY C 234 -53.21 -19.88 25.13
C GLY C 234 -51.75 -19.56 24.88
N ASP C 235 -51.15 -18.79 25.78
CA ASP C 235 -49.78 -18.34 25.59
C ASP C 235 -48.96 -18.68 26.82
N LEU C 236 -47.78 -19.24 26.59
CA LEU C 236 -46.79 -19.47 27.62
C LEU C 236 -45.77 -18.34 27.51
N SER C 237 -45.49 -17.64 28.62
CA SER C 237 -44.56 -16.52 28.58
C SER C 237 -43.32 -16.72 29.44
N LEU C 238 -42.17 -16.42 28.86
CA LEU C 238 -40.89 -16.53 29.55
C LEU C 238 -40.40 -15.13 29.92
N ASN C 239 -40.37 -14.80 31.22
CA ASN C 239 -39.93 -13.46 31.63
C ASN C 239 -38.42 -13.33 31.80
N PHE C 240 -37.76 -12.81 30.76
CA PHE C 240 -36.29 -12.68 30.75
C PHE C 240 -35.78 -11.40 31.40
N VAL C 241 -36.68 -10.55 31.89
CA VAL C 241 -36.25 -9.29 32.53
C VAL C 241 -35.33 -9.58 33.72
N THR C 242 -35.62 -10.65 34.46
CA THR C 242 -34.76 -11.08 35.54
C THR C 242 -34.41 -12.56 35.35
N GLY C 243 -33.35 -13.01 36.02
CA GLY C 243 -33.02 -14.42 36.04
C GLY C 243 -31.90 -14.88 35.12
N LEU C 244 -31.49 -14.03 34.18
CA LEU C 244 -30.39 -14.40 33.30
C LEU C 244 -29.07 -14.30 34.06
N LEU C 245 -28.18 -15.27 33.86
CA LEU C 245 -26.89 -15.21 34.52
C LEU C 245 -25.88 -14.39 33.72
N PRO C 246 -25.05 -13.59 34.43
CA PRO C 246 -23.99 -12.79 33.81
C PRO C 246 -23.08 -13.69 32.97
N PRO C 247 -22.56 -13.16 31.85
CA PRO C 247 -22.67 -11.77 31.40
C PRO C 247 -23.83 -11.55 30.43
N LEU C 248 -24.79 -12.47 30.42
CA LEU C 248 -25.95 -12.34 29.55
C LEU C 248 -26.90 -11.25 30.08
N LEU C 249 -27.54 -10.55 29.16
CA LEU C 249 -28.50 -9.52 29.52
C LEU C 249 -29.83 -9.76 28.81
N THR C 250 -30.88 -9.13 29.35
CA THR C 250 -32.23 -9.26 28.81
C THR C 250 -32.25 -9.06 27.31
N GLY C 251 -31.64 -7.95 26.86
CA GLY C 251 -31.56 -7.63 25.45
C GLY C 251 -31.00 -8.75 24.60
N ASP C 252 -30.13 -9.57 25.19
CA ASP C 252 -29.54 -10.69 24.45
C ASP C 252 -30.56 -11.72 23.99
N THR C 253 -31.76 -11.70 24.58
CA THR C 253 -32.76 -12.69 24.20
C THR C 253 -33.68 -12.19 23.08
N GLU C 254 -33.47 -10.97 22.60
CA GLU C 254 -34.31 -10.42 21.53
C GLU C 254 -34.09 -11.15 20.21
N PRO C 255 -35.19 -11.52 19.53
CA PRO C 255 -35.08 -12.16 18.22
C PRO C 255 -34.55 -11.20 17.15
N ALA C 256 -33.94 -11.75 16.11
CA ALA C 256 -33.53 -10.92 14.99
C ALA C 256 -34.74 -10.28 14.30
N PHE C 257 -35.93 -10.87 14.44
CA PHE C 257 -37.14 -10.21 13.92
C PHE C 257 -37.73 -9.24 14.94
N HIS C 258 -36.99 -9.03 16.03
CA HIS C 258 -37.35 -8.07 17.05
C HIS C 258 -38.72 -8.36 17.65
N ASN C 259 -39.60 -7.36 17.68
CA ASN C 259 -40.90 -7.56 18.30
C ASN C 259 -42.02 -7.89 17.31
N ASP C 260 -41.65 -8.38 16.14
CA ASP C 260 -42.63 -8.80 15.15
C ASP C 260 -43.38 -10.04 15.65
N VAL C 261 -44.66 -10.11 15.34
CA VAL C 261 -45.46 -11.29 15.65
C VAL C 261 -45.30 -12.29 14.50
N VAL C 262 -44.86 -13.49 14.83
CA VAL C 262 -44.51 -14.49 13.82
C VAL C 262 -45.08 -15.82 14.25
N THR C 263 -44.93 -16.82 13.39
CA THR C 263 -45.28 -18.19 13.74
C THR C 263 -44.03 -19.05 13.56
N TYR C 264 -43.03 -18.82 14.41
CA TYR C 264 -41.69 -19.38 14.20
C TYR C 264 -41.38 -20.64 15.00
N GLY C 265 -40.85 -21.64 14.32
CA GLY C 265 -40.45 -22.88 15.00
C GLY C 265 -41.66 -23.70 15.40
N ALA C 266 -42.74 -23.62 14.61
CA ALA C 266 -43.96 -24.35 14.91
C ALA C 266 -43.67 -25.84 14.93
N GLN C 267 -44.21 -26.52 15.93
CA GLN C 267 -43.94 -27.91 16.16
C GLN C 267 -45.09 -28.50 16.96
N THR C 268 -45.11 -29.81 17.09
CA THR C 268 -46.06 -30.51 17.99
C THR C 268 -45.47 -30.66 19.40
N VAL C 269 -46.30 -30.47 20.42
CA VAL C 269 -45.94 -30.85 21.78
C VAL C 269 -47.08 -31.65 22.42
N ALA C 270 -46.74 -32.70 23.16
CA ALA C 270 -47.75 -33.47 23.86
C ALA C 270 -47.81 -33.07 25.34
N ILE C 271 -49.01 -32.70 25.79
CA ILE C 271 -49.25 -32.24 27.15
C ILE C 271 -50.25 -33.15 27.85
N GLY C 272 -49.90 -33.66 29.01
CA GLY C 272 -50.78 -34.53 29.78
C GLY C 272 -51.78 -33.75 30.62
N LEU C 273 -53.06 -34.07 30.47
CA LEU C 273 -54.11 -33.38 31.21
C LEU C 273 -54.82 -34.35 32.13
N SER C 274 -55.02 -33.95 33.39
CA SER C 274 -55.75 -34.81 34.33
C SER C 274 -56.37 -34.03 35.47
N SER C 275 -57.12 -34.76 36.30
CA SER C 275 -57.65 -34.26 37.56
C SER C 275 -57.08 -35.08 38.70
N GLY C 276 -55.78 -35.31 38.68
CA GLY C 276 -55.12 -36.10 39.71
C GLY C 276 -54.87 -37.55 39.34
N GLY C 277 -55.68 -38.08 38.42
CA GLY C 277 -55.53 -39.46 37.96
C GLY C 277 -54.57 -39.61 36.78
N THR C 278 -54.82 -40.62 35.95
CA THR C 278 -54.00 -40.89 34.78
C THR C 278 -54.18 -39.82 33.71
N PRO C 279 -53.10 -39.10 33.38
CA PRO C 279 -53.17 -38.03 32.39
C PRO C 279 -53.60 -38.54 31.02
N GLN C 280 -54.39 -37.74 30.31
CA GLN C 280 -54.64 -37.99 28.90
C GLN C 280 -53.76 -37.03 28.10
N TYR C 281 -53.01 -37.55 27.14
CA TYR C 281 -52.04 -36.74 26.41
C TYR C 281 -52.63 -36.11 25.15
N MET C 282 -52.69 -34.78 25.13
CA MET C 282 -53.20 -34.04 23.98
C MET C 282 -52.05 -33.56 23.11
N SER C 283 -52.19 -33.70 21.80
CA SER C 283 -51.21 -33.18 20.86
C SER C 283 -51.49 -31.72 20.53
N LYS C 284 -50.74 -30.81 21.14
CA LYS C 284 -50.94 -29.38 20.92
C LYS C 284 -49.90 -28.81 19.93
N ASN C 285 -50.08 -27.56 19.52
CA ASN C 285 -49.24 -26.89 18.51
C ASN C 285 -48.52 -25.77 19.23
N LEU C 286 -47.19 -25.79 19.22
CA LEU C 286 -46.40 -24.75 19.86
C LEU C 286 -45.50 -24.01 18.85
N TRP C 287 -45.37 -22.70 19.04
CA TRP C 287 -44.49 -21.87 18.21
C TRP C 287 -44.16 -20.57 18.91
N VAL C 288 -43.03 -19.98 18.53
CA VAL C 288 -42.64 -18.69 19.04
C VAL C 288 -43.49 -17.62 18.38
N GLU C 289 -44.08 -16.78 19.21
CA GLU C 289 -45.12 -15.85 18.78
C GLU C 289 -44.61 -14.41 18.75
N GLN C 290 -43.97 -13.99 19.85
CA GLN C 290 -43.52 -12.61 19.96
C GLN C 290 -42.58 -12.42 21.15
N TRP C 291 -41.58 -11.57 20.97
CA TRP C 291 -40.75 -11.13 22.09
C TRP C 291 -41.06 -9.66 22.28
N GLN C 292 -41.24 -9.24 23.52
CA GLN C 292 -41.57 -7.83 23.79
C GLN C 292 -41.12 -7.45 25.18
N ASP C 293 -40.36 -6.36 25.28
CA ASP C 293 -39.85 -5.87 26.55
C ASP C 293 -39.28 -6.99 27.42
N GLY C 294 -38.51 -7.88 26.80
CA GLY C 294 -37.78 -8.90 27.54
C GLY C 294 -38.59 -10.10 27.96
N VAL C 295 -39.84 -10.17 27.48
CA VAL C 295 -40.71 -11.30 27.74
C VAL C 295 -41.00 -12.06 26.43
N LEU C 296 -40.63 -13.34 26.38
CA LEU C 296 -40.86 -14.12 25.17
C LEU C 296 -42.17 -14.89 25.29
N ARG C 297 -43.04 -14.73 24.30
CA ARG C 297 -44.33 -15.42 24.30
C ARG C 297 -44.40 -16.56 23.30
N LEU C 298 -44.90 -17.69 23.77
CA LEU C 298 -45.09 -18.89 22.96
C LEU C 298 -46.59 -19.20 22.84
N ARG C 299 -47.11 -19.29 21.62
CA ARG C 299 -48.46 -19.84 21.43
C ARG C 299 -48.53 -21.36 21.67
N VAL C 300 -49.62 -21.80 22.28
CA VAL C 300 -49.87 -23.22 22.50
C VAL C 300 -51.33 -23.52 22.25
N GLU C 301 -51.66 -24.18 21.14
CA GLU C 301 -53.07 -24.35 20.78
C GLU C 301 -53.28 -25.64 20.01
N GLY C 302 -54.56 -26.01 19.83
CA GLY C 302 -54.93 -27.14 18.99
C GLY C 302 -54.95 -28.50 19.69
N GLY C 303 -55.45 -29.51 18.98
CA GLY C 303 -55.43 -30.88 19.44
C GLY C 303 -56.57 -31.28 20.37
N GLY C 304 -57.58 -30.44 20.48
CA GLY C 304 -58.71 -30.78 21.31
C GLY C 304 -58.42 -30.59 22.78
N SER C 305 -59.39 -30.93 23.63
CA SER C 305 -59.22 -30.75 25.06
C SER C 305 -60.22 -31.55 25.90
N ILE C 306 -59.98 -31.57 27.20
CA ILE C 306 -60.88 -32.21 28.14
C ILE C 306 -60.91 -31.38 29.42
N THR C 307 -61.95 -31.57 30.21
CA THR C 307 -62.00 -30.97 31.54
C THR C 307 -60.86 -31.53 32.38
N HIS C 308 -60.13 -30.66 33.06
CA HIS C 308 -58.97 -31.11 33.84
C HIS C 308 -58.54 -29.98 34.76
N SER C 309 -57.74 -30.32 35.76
CA SER C 309 -57.22 -29.31 36.67
C SER C 309 -55.69 -29.21 36.59
N ASN C 310 -55.03 -30.22 36.02
CA ASN C 310 -53.57 -30.27 36.02
C ASN C 310 -52.98 -30.65 34.67
N SER C 311 -51.84 -30.06 34.35
CA SER C 311 -51.18 -30.28 33.07
C SER C 311 -49.75 -30.77 33.32
N LYS C 312 -49.32 -31.77 32.56
CA LYS C 312 -47.94 -32.22 32.60
C LYS C 312 -47.26 -31.82 31.29
N TRP C 313 -46.34 -30.86 31.37
CA TRP C 313 -45.69 -30.35 30.18
C TRP C 313 -44.39 -31.11 29.95
N PRO C 314 -44.09 -31.44 28.69
CA PRO C 314 -42.85 -32.12 28.34
C PRO C 314 -41.72 -31.11 28.34
N ALA C 315 -40.47 -31.56 28.35
CA ALA C 315 -39.36 -30.66 28.09
C ALA C 315 -39.47 -30.12 26.67
N MET C 316 -39.24 -28.81 26.55
CA MET C 316 -39.37 -28.12 25.27
C MET C 316 -38.15 -27.23 25.03
N THR C 317 -37.54 -27.37 23.87
CA THR C 317 -36.46 -26.47 23.53
C THR C 317 -36.97 -25.41 22.56
N VAL C 318 -36.79 -24.15 22.94
CA VAL C 318 -37.22 -23.01 22.14
C VAL C 318 -36.02 -22.34 21.48
N SER C 319 -36.03 -22.23 20.15
CA SER C 319 -34.93 -21.65 19.39
C SER C 319 -35.42 -20.56 18.43
N TYR C 320 -34.58 -19.55 18.20
CA TYR C 320 -34.84 -18.56 17.17
C TYR C 320 -33.58 -17.79 16.79
N PRO C 321 -33.54 -17.22 15.58
CA PRO C 321 -32.40 -16.36 15.22
C PRO C 321 -32.38 -15.15 16.15
N ARG C 322 -31.20 -14.83 16.65
CA ARG C 322 -31.02 -13.83 17.68
C ARG C 322 -30.58 -12.49 17.10
N SER C 323 -30.98 -11.41 17.76
CA SER C 323 -30.59 -10.07 17.36
C SER C 323 -29.08 -9.85 17.49
N PHE C 324 -28.53 -9.05 16.58
CA PHE C 324 -27.10 -8.74 16.58
C PHE C 324 -26.90 -7.27 16.25
N THR C 325 -25.72 -6.75 16.58
CA THR C 325 -25.42 -5.35 16.31
C THR C 325 -24.45 -5.22 15.13
#